data_7CMW
#
_entry.id   7CMW
#
_cell.length_a   47.798
_cell.length_b   92.427
_cell.length_c   164.495
_cell.angle_alpha   90.000
_cell.angle_beta   90.000
_cell.angle_gamma   90.000
#
_symmetry.space_group_name_H-M   'P 21 21 21'
#
loop_
_entity.id
_entity.type
_entity.pdbx_description
1 polymer 'Poly [ADP-ribose] polymerase 1'
2 non-polymer (2R)-14-fluoro-2-methyl-6,9,10,19-tetrazapentacyclo[14.2.1.02,6.08,18.012,17]nonadeca-1(18),8,12(17),13,15-pentaen-11-one
3 non-polymer GLYCEROL
4 water water
#
_entity_poly.entity_id   1
_entity_poly.type   'polypeptide(L)'
_entity_poly.pdbx_seq_one_letter_code
;GSHMKSKLPKPVQDLIKMIFDVESMKKAMVEYEIDLQKMPLGKLSKRQIQAAYSILSEVQQAVSQGSSDSQILDLSNRFY
TLIPHDFGMKKPPLLNNADSVQAKAEMLDNLLDIEVAYSLLRGGSDDSSKDPIDVNYEKLKTDIKVVDRDSEEAEIIRKY
VKNTHATTHNAYDLEVIDIFKIEREGECQRYKPFKQLHNRRLLWHGSRTTNFAGILSQGLRIAPPEAPVTGYMFGKGIYF
ADMVSKSANYCHTSQGDPIGLILLGEVALGNMYELKHASHISKLPKGKHSVKGLGKTTPDPSANISLDGVDVPLGTGISS
GVNDTSLLYNEYIVYDIAQVNLKYLLKLKFNFKT
;
_entity_poly.pdbx_strand_id   A,B
#
loop_
_chem_comp.id
_chem_comp.type
_chem_comp.name
_chem_comp.formula
DS9 non-polymer (2R)-14-fluoro-2-methyl-6,9,10,19-tetrazapentacyclo[14.2.1.02,6.08,18.012,17]nonadeca-1(18),8,12(17),13,15-pentaen-11-one 'C16 H15 F N4 O'
GOL non-polymer GLYCEROL 'C3 H8 O3'
#
# COMPACT_ATOMS: atom_id res chain seq x y z
N LYS A 5 6.96 14.44 -51.65
CA LYS A 5 7.96 13.98 -50.69
C LYS A 5 8.14 15.02 -49.57
N SER A 6 8.49 14.58 -48.37
CA SER A 6 8.42 15.44 -47.19
C SER A 6 9.55 16.48 -47.09
N LYS A 7 9.23 17.65 -46.46
CA LYS A 7 10.24 18.66 -46.05
C LYS A 7 10.55 18.60 -44.57
N LEU A 8 10.12 17.60 -43.84
CA LEU A 8 10.43 17.72 -42.43
C LEU A 8 11.93 17.54 -42.23
N PRO A 9 12.49 18.16 -41.20
CA PRO A 9 13.88 17.84 -40.85
C PRO A 9 14.02 16.34 -40.68
N LYS A 10 15.20 15.83 -41.03
CA LYS A 10 15.34 14.38 -41.13
C LYS A 10 15.39 13.68 -39.76
N PRO A 11 15.84 14.33 -38.68
CA PRO A 11 15.60 13.74 -37.36
C PRO A 11 14.13 13.58 -37.02
N VAL A 12 13.32 14.60 -37.31
CA VAL A 12 11.88 14.49 -37.07
C VAL A 12 11.28 13.36 -37.92
N GLN A 13 11.78 13.17 -39.13
CA GLN A 13 11.28 12.10 -39.99
C GLN A 13 11.62 10.73 -39.41
N ASP A 14 12.84 10.56 -38.91
CA ASP A 14 13.18 9.29 -38.25
C ASP A 14 12.31 9.09 -37.02
N LEU A 15 12.03 10.17 -36.28
CA LEU A 15 11.17 10.08 -35.11
C LEU A 15 9.78 9.59 -35.49
N ILE A 16 9.20 10.16 -36.56
CA ILE A 16 7.87 9.76 -36.99
C ILE A 16 7.86 8.30 -37.41
N LYS A 17 8.86 7.89 -38.22
CA LYS A 17 8.94 6.49 -38.63
C LYS A 17 9.05 5.56 -37.43
N MET A 18 9.74 6.02 -36.38
CA MET A 18 9.91 5.21 -35.18
C MET A 18 8.62 5.08 -34.40
N ILE A 19 7.87 6.18 -34.26
CA ILE A 19 6.67 6.19 -33.45
C ILE A 19 5.55 5.37 -34.10
N PHE A 20 5.47 5.34 -35.43
CA PHE A 20 4.35 4.73 -36.12
C PHE A 20 4.69 3.38 -36.74
N ASP A 21 5.64 2.64 -36.18
CA ASP A 21 5.98 1.34 -36.75
C ASP A 21 5.10 0.26 -36.15
N VAL A 22 4.33 -0.40 -37.02
CA VAL A 22 3.44 -1.47 -36.59
C VAL A 22 4.25 -2.68 -36.08
N GLU A 23 5.37 -2.97 -36.74
CA GLU A 23 6.17 -4.12 -36.33
C GLU A 23 6.68 -3.98 -34.91
N SER A 24 6.98 -2.76 -34.47
CA SER A 24 7.40 -2.54 -33.09
C SER A 24 6.25 -2.81 -32.12
N MET A 25 5.02 -2.48 -32.51
CA MET A 25 3.87 -2.80 -31.68
C MET A 25 3.69 -4.31 -31.57
N LYS A 26 3.83 -5.02 -32.69
CA LYS A 26 3.73 -6.47 -32.66
C LYS A 26 4.85 -7.09 -31.82
N LYS A 27 6.05 -6.51 -31.87
CA LYS A 27 7.15 -7.01 -31.06
C LYS A 27 6.90 -6.78 -29.57
N ALA A 28 6.38 -5.60 -29.23
CA ALA A 28 5.97 -5.34 -27.85
C ALA A 28 4.95 -6.38 -27.38
N MET A 29 3.96 -6.68 -28.23
CA MET A 29 2.95 -7.66 -27.85
C MET A 29 3.55 -9.05 -27.67
N VAL A 30 4.47 -9.44 -28.56
CA VAL A 30 5.12 -10.74 -28.43
C VAL A 30 6.00 -10.78 -27.19
N GLU A 31 6.50 -9.61 -26.75
CA GLU A 31 7.34 -9.59 -25.56
C GLU A 31 6.54 -9.78 -24.28
N TYR A 32 5.24 -9.52 -24.31
CA TYR A 32 4.36 -9.85 -23.20
C TYR A 32 3.77 -11.24 -23.35
N GLU A 33 4.23 -12.01 -24.34
CA GLU A 33 3.81 -13.39 -24.57
C GLU A 33 2.32 -13.49 -24.91
N ILE A 34 1.80 -12.45 -25.56
CA ILE A 34 0.43 -12.44 -26.04
C ILE A 34 0.35 -13.24 -27.33
N ASP A 35 -0.76 -13.94 -27.53
CA ASP A 35 -0.95 -14.79 -28.71
C ASP A 35 -1.37 -13.93 -29.89
N LEU A 36 -0.45 -13.73 -30.84
CA LEU A 36 -0.71 -12.88 -32.00
C LEU A 36 -1.51 -13.58 -33.09
N GLN A 37 -1.67 -14.90 -33.02
CA GLN A 37 -2.51 -15.59 -34.00
C GLN A 37 -3.97 -15.54 -33.59
N LYS A 38 -4.26 -15.77 -32.32
CA LYS A 38 -5.62 -15.76 -31.81
C LYS A 38 -6.14 -14.35 -31.57
N MET A 39 -5.27 -13.38 -31.37
CA MET A 39 -5.67 -12.02 -31.00
C MET A 39 -4.69 -11.03 -31.60
N PRO A 40 -4.75 -10.83 -32.93
CA PRO A 40 -3.76 -9.97 -33.59
C PRO A 40 -3.96 -8.49 -33.30
N LEU A 41 -3.07 -7.67 -33.85
CA LEU A 41 -3.06 -6.24 -33.55
C LEU A 41 -4.37 -5.58 -33.92
N GLY A 42 -4.95 -5.95 -35.06
CA GLY A 42 -6.19 -5.34 -35.52
C GLY A 42 -7.41 -5.73 -34.73
N LYS A 43 -7.34 -6.78 -33.91
CA LYS A 43 -8.46 -7.17 -33.07
C LYS A 43 -8.22 -6.79 -31.61
N LEU A 44 -7.37 -5.81 -31.39
CA LEU A 44 -7.18 -5.17 -30.09
C LEU A 44 -8.27 -4.13 -29.88
N SER A 45 -8.99 -4.23 -28.76
CA SER A 45 -10.11 -3.37 -28.46
C SER A 45 -9.85 -2.54 -27.21
N LYS A 46 -10.31 -1.29 -27.22
CA LYS A 46 -10.28 -0.48 -26.01
C LYS A 46 -11.17 -1.09 -24.92
N ARG A 47 -12.38 -1.50 -25.29
CA ARG A 47 -13.30 -2.06 -24.31
C ARG A 47 -12.85 -3.44 -23.82
N GLN A 48 -12.20 -4.21 -24.68
CA GLN A 48 -11.61 -5.47 -24.21
C GLN A 48 -10.53 -5.20 -23.16
N ILE A 49 -9.68 -4.20 -23.41
CA ILE A 49 -8.64 -3.85 -22.43
C ILE A 49 -9.29 -3.36 -21.14
N GLN A 50 -10.39 -2.61 -21.24
CA GLN A 50 -11.06 -2.13 -20.04
C GLN A 50 -11.69 -3.27 -19.26
N ALA A 51 -12.23 -4.28 -19.96
CA ALA A 51 -12.75 -5.47 -19.30
C ALA A 51 -11.63 -6.22 -18.57
N ALA A 52 -10.45 -6.29 -19.19
CA ALA A 52 -9.31 -6.92 -18.52
C ALA A 52 -8.91 -6.14 -17.27
N TYR A 53 -9.03 -4.81 -17.36
CA TYR A 53 -8.74 -3.90 -16.23
C TYR A 53 -9.73 -4.22 -15.10
N SER A 54 -10.99 -4.47 -15.46
CA SER A 54 -12.02 -4.79 -14.47
C SER A 54 -11.77 -6.15 -13.84
N ILE A 55 -11.28 -7.11 -14.62
CA ILE A 55 -10.91 -8.39 -14.03
C ILE A 55 -9.78 -8.21 -13.02
N LEU A 56 -8.82 -7.34 -13.32
CA LEU A 56 -7.74 -7.08 -12.37
C LEU A 56 -8.27 -6.43 -11.09
N SER A 57 -9.23 -5.51 -11.22
CA SER A 57 -9.81 -4.89 -10.03
C SER A 57 -10.67 -5.87 -9.24
N GLU A 58 -11.28 -6.85 -9.92
CA GLU A 58 -12.00 -7.90 -9.21
C GLU A 58 -11.02 -8.78 -8.43
N VAL A 59 -9.86 -9.07 -9.02
CA VAL A 59 -8.85 -9.83 -8.28
C VAL A 59 -8.35 -9.04 -7.09
N GLN A 60 -8.16 -7.73 -7.27
CA GLN A 60 -7.77 -6.87 -6.15
C GLN A 60 -8.77 -6.95 -5.02
N GLN A 61 -10.06 -6.72 -5.31
CA GLN A 61 -11.06 -6.74 -4.24
C GLN A 61 -11.20 -8.12 -3.61
N ALA A 62 -11.09 -9.19 -4.42
CA ALA A 62 -11.20 -10.55 -3.90
C ALA A 62 -10.08 -10.87 -2.94
N VAL A 63 -8.84 -10.59 -3.35
CA VAL A 63 -7.71 -10.85 -2.47
C VAL A 63 -7.80 -10.00 -1.23
N SER A 64 -8.30 -8.76 -1.38
CA SER A 64 -8.29 -7.84 -0.26
C SER A 64 -9.18 -8.31 0.89
N GLN A 65 -10.43 -8.68 0.62
CA GLN A 65 -11.27 -9.22 1.69
C GLN A 65 -11.70 -10.66 1.63
N GLY A 66 -10.72 -11.51 1.84
CA GLY A 66 -10.87 -12.90 2.15
C GLY A 66 -11.91 -13.63 1.34
N SER A 67 -11.77 -13.58 0.03
CA SER A 67 -12.67 -14.27 -0.87
C SER A 67 -12.08 -15.66 -1.11
N SER A 68 -12.86 -16.53 -1.75
CA SER A 68 -12.28 -17.78 -2.22
C SER A 68 -11.06 -17.46 -3.06
N ASP A 69 -10.03 -18.27 -2.94
CA ASP A 69 -9.02 -18.23 -3.99
C ASP A 69 -9.37 -19.18 -5.15
N SER A 70 -10.29 -20.13 -4.92
CA SER A 70 -11.15 -20.67 -5.99
C SER A 70 -11.55 -19.54 -6.96
N GLN A 71 -12.17 -18.45 -6.39
CA GLN A 71 -12.60 -17.20 -7.04
C GLN A 71 -11.49 -16.58 -7.80
N ILE A 72 -10.34 -16.44 -7.15
CA ILE A 72 -9.22 -15.75 -7.75
C ILE A 72 -8.64 -16.54 -8.93
N LEU A 73 -8.61 -17.86 -8.81
CA LEU A 73 -8.19 -18.73 -9.91
C LEU A 73 -9.13 -18.59 -11.09
N ASP A 74 -10.45 -18.57 -10.83
CA ASP A 74 -11.41 -18.39 -11.91
C ASP A 74 -11.21 -17.04 -12.60
N LEU A 75 -10.94 -15.99 -11.83
CA LEU A 75 -10.69 -14.69 -12.44
C LEU A 75 -9.40 -14.68 -13.25
N SER A 76 -8.40 -15.47 -12.83
CA SER A 76 -7.15 -15.51 -13.58
C SER A 76 -7.33 -16.27 -14.90
N ASN A 77 -8.14 -17.33 -14.86
CA ASN A 77 -8.41 -18.04 -16.09
C ASN A 77 -9.26 -17.19 -17.03
N ARG A 78 -10.18 -16.40 -16.47
CA ARG A 78 -10.98 -15.49 -17.28
C ARG A 78 -10.09 -14.43 -17.93
N PHE A 79 -9.11 -13.91 -17.19
CA PHE A 79 -8.17 -12.95 -17.76
C PHE A 79 -7.42 -13.57 -18.94
N TYR A 80 -6.90 -14.78 -18.76
CA TYR A 80 -6.16 -15.39 -19.86
C TYR A 80 -7.06 -15.78 -21.03
N THR A 81 -8.35 -15.97 -20.79
CA THR A 81 -9.29 -16.20 -21.89
C THR A 81 -9.66 -14.90 -22.61
N LEU A 82 -9.67 -13.78 -21.89
CA LEU A 82 -10.00 -12.49 -22.51
C LEU A 82 -8.84 -11.97 -23.35
N ILE A 83 -7.63 -12.12 -22.85
CA ILE A 83 -6.42 -11.77 -23.60
C ILE A 83 -5.62 -13.05 -23.82
N PRO A 84 -5.72 -13.65 -25.01
CA PRO A 84 -5.07 -14.94 -25.24
C PRO A 84 -3.56 -14.83 -25.19
N HIS A 85 -2.94 -15.73 -24.45
CA HIS A 85 -1.49 -15.76 -24.31
C HIS A 85 -0.90 -17.02 -24.94
N ASP A 86 0.38 -16.90 -25.31
CA ASP A 86 1.19 -17.97 -25.89
C ASP A 86 2.33 -18.24 -24.94
N PHE A 87 2.18 -19.21 -24.04
CA PHE A 87 3.26 -19.57 -23.13
C PHE A 87 3.93 -20.88 -23.50
N GLY A 88 3.58 -21.46 -24.65
CA GLY A 88 4.21 -22.70 -25.02
C GLY A 88 3.84 -23.83 -24.09
N MET A 89 4.85 -24.39 -23.41
CA MET A 89 4.61 -25.45 -22.44
C MET A 89 4.93 -25.01 -21.02
N LYS A 90 4.96 -23.72 -20.75
CA LYS A 90 5.08 -23.32 -19.37
C LYS A 90 3.71 -22.98 -18.81
N LYS A 91 3.64 -22.90 -17.49
CA LYS A 91 2.35 -22.59 -16.91
C LYS A 91 2.21 -21.08 -16.83
N PRO A 92 1.08 -20.52 -17.26
CA PRO A 92 0.94 -19.07 -17.23
C PRO A 92 0.97 -18.59 -15.82
N PRO A 93 1.43 -17.36 -15.58
CA PRO A 93 1.45 -16.85 -14.21
C PRO A 93 0.03 -16.74 -13.68
N LEU A 94 -0.11 -16.89 -12.37
CA LEU A 94 -1.41 -16.90 -11.73
C LEU A 94 -1.72 -15.51 -11.19
N LEU A 95 -2.99 -15.07 -11.27
CA LEU A 95 -3.27 -13.75 -10.71
C LEU A 95 -3.83 -13.92 -9.30
N ASN A 96 -2.92 -14.20 -8.37
CA ASN A 96 -3.29 -14.47 -7.00
C ASN A 96 -2.67 -13.50 -6.00
N ASN A 97 -1.77 -12.63 -6.44
CA ASN A 97 -1.00 -11.78 -5.53
C ASN A 97 -0.84 -10.40 -6.14
N ALA A 98 -0.24 -9.49 -5.35
CA ALA A 98 -0.17 -8.09 -5.76
C ALA A 98 0.80 -7.88 -6.92
N ASP A 99 1.92 -8.62 -6.94
CA ASP A 99 2.89 -8.41 -8.02
C ASP A 99 2.34 -8.88 -9.36
N SER A 100 1.62 -10.00 -9.39
CA SER A 100 0.96 -10.43 -10.61
C SER A 100 0.02 -9.34 -11.13
N VAL A 101 -0.80 -8.79 -10.24
CA VAL A 101 -1.74 -7.75 -10.62
C VAL A 101 -1.00 -6.53 -11.17
N GLN A 102 0.09 -6.14 -10.51
CA GLN A 102 0.83 -4.96 -10.96
C GLN A 102 1.49 -5.19 -12.31
N ALA A 103 2.05 -6.38 -12.53
CA ALA A 103 2.63 -6.71 -13.83
C ALA A 103 1.57 -6.61 -14.92
N LYS A 104 0.40 -7.20 -14.68
CA LYS A 104 -0.65 -7.16 -15.69
C LYS A 104 -1.19 -5.75 -15.89
N ALA A 105 -1.17 -4.91 -14.86
CA ALA A 105 -1.67 -3.54 -15.02
C ALA A 105 -0.71 -2.70 -15.85
N GLU A 106 0.59 -2.84 -15.63
CA GLU A 106 1.56 -2.17 -16.51
C GLU A 106 1.42 -2.67 -17.95
N MET A 107 1.25 -3.99 -18.11
CA MET A 107 1.07 -4.57 -19.43
C MET A 107 -0.17 -3.99 -20.11
N LEU A 108 -1.26 -3.83 -19.36
CA LEU A 108 -2.47 -3.28 -19.96
C LEU A 108 -2.33 -1.80 -20.27
N ASP A 109 -1.54 -1.06 -19.48
CA ASP A 109 -1.24 0.32 -19.85
C ASP A 109 -0.59 0.37 -21.23
N ASN A 110 0.42 -0.48 -21.44
CA ASN A 110 1.08 -0.49 -22.74
C ASN A 110 0.17 -1.02 -23.85
N LEU A 111 -0.72 -1.97 -23.53
CA LEU A 111 -1.67 -2.45 -24.54
C LEU A 111 -2.63 -1.37 -24.96
N LEU A 112 -3.17 -0.63 -23.99
CA LEU A 112 -4.05 0.50 -24.30
C LEU A 112 -3.33 1.54 -25.16
N ASP A 113 -2.07 1.82 -24.86
CA ASP A 113 -1.32 2.77 -25.68
C ASP A 113 -1.12 2.25 -27.10
N ILE A 114 -0.84 0.95 -27.24
CA ILE A 114 -0.69 0.35 -28.57
C ILE A 114 -2.00 0.46 -29.34
N GLU A 115 -3.12 0.22 -28.67
CA GLU A 115 -4.42 0.36 -29.32
C GLU A 115 -4.64 1.79 -29.79
N VAL A 116 -4.29 2.77 -28.95
CA VAL A 116 -4.40 4.17 -29.36
C VAL A 116 -3.55 4.45 -30.59
N ALA A 117 -2.33 3.91 -30.62
CA ALA A 117 -1.43 4.17 -31.74
C ALA A 117 -1.94 3.55 -33.04
N TYR A 118 -2.42 2.31 -32.98
CA TYR A 118 -2.94 1.67 -34.19
C TYR A 118 -4.24 2.33 -34.63
N SER A 119 -5.07 2.74 -33.68
CA SER A 119 -6.28 3.50 -34.00
C SER A 119 -5.94 4.81 -34.70
N LEU A 120 -4.89 5.50 -34.24
CA LEU A 120 -4.42 6.70 -34.92
C LEU A 120 -3.96 6.39 -36.35
N LEU A 121 -3.13 5.35 -36.49
CA LEU A 121 -2.50 5.05 -37.78
C LEU A 121 -3.54 4.76 -38.85
N ARG A 122 -4.61 4.05 -38.50
CA ARG A 122 -5.60 3.60 -39.47
C ARG A 122 -6.82 4.53 -39.54
N GLY A 123 -6.76 5.70 -38.93
CA GLY A 123 -7.90 6.58 -38.82
C GLY A 123 -7.73 7.87 -39.59
N GLY A 124 -8.67 8.78 -39.38
CA GLY A 124 -8.63 10.08 -40.04
C GLY A 124 -8.78 9.96 -41.54
N SER A 125 -7.97 10.73 -42.26
CA SER A 125 -7.94 10.71 -43.71
C SER A 125 -6.58 10.26 -44.23
N ASP A 126 -6.58 9.75 -45.46
CA ASP A 126 -5.36 9.40 -46.17
C ASP A 126 -5.37 10.07 -47.55
N ASP A 127 -4.21 10.58 -47.95
CA ASP A 127 -4.07 11.42 -49.12
C ASP A 127 -2.92 10.88 -49.93
N SER A 128 -3.22 10.31 -51.09
CA SER A 128 -2.17 9.70 -51.89
C SER A 128 -1.09 10.68 -52.34
N SER A 129 -1.37 11.98 -52.55
CA SER A 129 -0.24 12.81 -52.97
C SER A 129 0.78 13.00 -51.83
N LYS A 130 0.34 12.93 -50.56
CA LYS A 130 1.16 13.34 -49.43
C LYS A 130 2.06 12.21 -48.95
N ASP A 131 3.22 12.59 -48.44
CA ASP A 131 4.14 11.65 -47.82
C ASP A 131 3.51 11.08 -46.55
N PRO A 132 3.51 9.75 -46.35
CA PRO A 132 2.99 9.20 -45.09
C PRO A 132 3.63 9.82 -43.86
N ILE A 133 4.89 10.23 -43.97
CA ILE A 133 5.56 10.90 -42.85
C ILE A 133 4.82 12.18 -42.49
N ASP A 134 4.43 12.97 -43.49
CA ASP A 134 3.69 14.21 -43.24
C ASP A 134 2.31 13.91 -42.64
N VAL A 135 1.63 12.89 -43.16
CA VAL A 135 0.32 12.51 -42.64
C VAL A 135 0.42 12.16 -41.16
N ASN A 136 1.40 11.32 -40.79
CA ASN A 136 1.51 10.90 -39.40
C ASN A 136 1.96 12.07 -38.51
N TYR A 137 2.84 12.92 -39.03
CA TYR A 137 3.24 14.10 -38.26
C TYR A 137 2.04 14.96 -37.92
N GLU A 138 1.13 15.14 -38.87
CA GLU A 138 -0.01 15.98 -38.50
C GLU A 138 -1.07 15.19 -37.75
N LYS A 139 -1.00 13.86 -37.76
CA LYS A 139 -1.84 13.08 -36.85
C LYS A 139 -1.40 13.28 -35.41
N LEU A 140 -0.14 13.64 -35.19
CA LEU A 140 0.30 13.85 -33.81
C LEU A 140 -0.23 15.14 -33.19
N LYS A 141 -0.76 16.06 -33.99
CA LYS A 141 -1.14 17.41 -33.55
C LYS A 141 -0.16 17.98 -32.52
N THR A 142 1.13 17.90 -32.86
CA THR A 142 2.19 18.44 -32.03
C THR A 142 3.19 19.17 -32.91
N ASP A 143 3.73 20.27 -32.40
CA ASP A 143 4.85 20.93 -33.05
C ASP A 143 6.15 20.31 -32.54
N ILE A 144 6.93 19.75 -33.46
CA ILE A 144 8.19 19.06 -33.15
C ILE A 144 9.31 19.81 -33.86
N LYS A 145 10.22 20.39 -33.08
CA LYS A 145 11.36 21.11 -33.61
C LYS A 145 12.65 20.47 -33.10
N VAL A 146 13.67 20.45 -33.94
CA VAL A 146 14.99 19.97 -33.52
C VAL A 146 15.68 21.08 -32.74
N VAL A 147 16.21 20.70 -31.59
CA VAL A 147 16.92 21.64 -30.68
C VAL A 147 18.36 21.70 -31.15
N ASP A 148 18.93 22.90 -31.26
CA ASP A 148 20.34 23.07 -31.73
C ASP A 148 21.28 22.40 -30.74
N ARG A 149 22.20 21.57 -31.21
CA ARG A 149 23.11 20.81 -30.33
C ARG A 149 24.04 21.69 -29.51
N ASP A 150 24.29 22.90 -29.95
CA ASP A 150 25.15 23.84 -29.23
C ASP A 150 24.38 24.90 -28.43
N SER A 151 23.06 24.78 -28.34
CA SER A 151 22.29 25.71 -27.52
C SER A 151 22.59 25.46 -26.04
N GLU A 152 22.03 26.30 -25.17
CA GLU A 152 22.19 26.05 -23.74
C GLU A 152 21.15 25.08 -23.19
N GLU A 153 19.97 25.08 -23.78
CA GLU A 153 18.98 24.01 -23.60
C GLU A 153 19.63 22.64 -23.72
N ALA A 154 20.33 22.43 -24.84
CA ALA A 154 21.00 21.17 -25.09
C ALA A 154 22.11 20.91 -24.06
N GLU A 155 22.86 21.95 -23.71
CA GLU A 155 23.84 21.85 -22.64
C GLU A 155 23.23 21.27 -21.37
N ILE A 156 22.14 21.92 -20.91
CA ILE A 156 21.51 21.52 -19.66
C ILE A 156 20.91 20.12 -19.77
N ILE A 157 20.33 19.78 -20.93
CA ILE A 157 19.70 18.47 -21.09
C ILE A 157 20.74 17.37 -21.09
N ARG A 158 21.86 17.59 -21.79
CA ARG A 158 22.94 16.61 -21.77
C ARG A 158 23.52 16.46 -20.38
N LYS A 159 23.64 17.58 -19.63
CA LYS A 159 24.15 17.51 -18.27
C LYS A 159 23.19 16.79 -17.33
N TYR A 160 21.88 16.96 -17.56
CA TYR A 160 20.86 16.24 -16.81
C TYR A 160 20.96 14.74 -17.05
N VAL A 161 21.12 14.33 -18.30
CA VAL A 161 21.30 12.91 -18.61
C VAL A 161 22.59 12.39 -18.00
N LYS A 162 23.67 13.17 -18.13
CA LYS A 162 25.00 12.72 -17.73
C LYS A 162 25.11 12.56 -16.22
N ASN A 163 24.46 13.43 -15.45
CA ASN A 163 24.70 13.51 -14.01
C ASN A 163 23.79 12.62 -13.18
N THR A 164 22.66 12.18 -13.71
CA THR A 164 21.65 11.49 -12.91
C THR A 164 21.42 10.07 -13.39
N HIS A 165 22.48 9.40 -13.85
CA HIS A 165 22.40 7.98 -14.15
C HIS A 165 22.87 7.19 -12.93
N ALA A 166 21.96 6.39 -12.36
CA ALA A 166 22.26 5.69 -11.12
C ALA A 166 23.22 4.52 -11.35
N THR A 167 23.98 4.20 -10.31
CA THR A 167 24.92 3.08 -10.39
C THR A 167 24.21 1.74 -10.34
N THR A 168 23.08 1.66 -9.64
CA THR A 168 22.26 0.45 -9.65
C THR A 168 21.88 0.04 -11.06
N HIS A 169 21.61 1.00 -11.93
CA HIS A 169 21.16 0.77 -13.30
C HIS A 169 22.35 0.61 -14.24
N ASN A 170 23.16 -0.40 -13.91
CA ASN A 170 24.46 -0.67 -14.52
C ASN A 170 24.39 -1.57 -15.75
N ALA A 171 23.19 -1.85 -16.26
CA ALA A 171 23.08 -2.66 -17.47
C ALA A 171 23.45 -1.92 -18.75
N TYR A 172 23.42 -0.59 -18.73
CA TYR A 172 23.65 0.19 -19.94
C TYR A 172 24.19 1.56 -19.57
N ASP A 173 24.62 2.29 -20.58
CA ASP A 173 24.73 3.74 -20.44
C ASP A 173 24.02 4.41 -21.62
N LEU A 174 23.78 5.70 -21.48
CA LEU A 174 22.90 6.42 -22.38
C LEU A 174 23.68 7.42 -23.22
N GLU A 175 23.37 7.46 -24.52
CA GLU A 175 23.85 8.49 -25.42
C GLU A 175 22.66 9.23 -26.05
N VAL A 176 22.71 10.56 -25.97
CA VAL A 176 21.65 11.40 -26.52
C VAL A 176 21.92 11.56 -28.01
N ILE A 177 20.96 11.13 -28.83
CA ILE A 177 21.09 11.22 -30.27
C ILE A 177 20.45 12.51 -30.78
N ASP A 178 19.21 12.74 -30.38
CA ASP A 178 18.49 13.95 -30.76
C ASP A 178 17.70 14.49 -29.58
N ILE A 179 17.54 15.80 -29.57
CA ILE A 179 16.75 16.50 -28.58
C ILE A 179 15.68 17.27 -29.34
N PHE A 180 14.42 17.02 -29.03
CA PHE A 180 13.31 17.69 -29.69
C PHE A 180 12.59 18.59 -28.71
N LYS A 181 12.24 19.78 -29.18
CA LYS A 181 11.32 20.64 -28.46
C LYS A 181 9.92 20.41 -29.02
N ILE A 182 9.02 19.95 -28.15
CA ILE A 182 7.66 19.61 -28.52
C ILE A 182 6.70 20.58 -27.86
N GLU A 183 5.56 20.74 -28.51
CA GLU A 183 4.44 21.57 -28.06
C GLU A 183 3.16 20.89 -28.47
N ARG A 184 2.37 20.44 -27.51
CA ARG A 184 1.14 19.75 -27.82
C ARG A 184 0.02 20.75 -28.07
N GLU A 185 -0.67 20.59 -29.19
CA GLU A 185 -1.83 21.41 -29.51
C GLU A 185 -2.77 21.47 -28.30
N GLY A 186 -2.93 22.67 -27.73
CA GLY A 186 -3.84 22.89 -26.64
C GLY A 186 -3.24 22.77 -25.25
N GLU A 187 -2.06 22.14 -25.13
CA GLU A 187 -1.54 21.82 -23.80
C GLU A 187 -1.16 23.06 -23.00
N CYS A 188 -0.70 24.12 -23.66
CA CYS A 188 -0.27 25.29 -22.92
C CYS A 188 -1.46 26.02 -22.29
N GLN A 189 -2.59 26.07 -23.00
CA GLN A 189 -3.82 26.61 -22.40
C GLN A 189 -4.27 25.77 -21.21
N ARG A 190 -4.21 24.44 -21.35
CA ARG A 190 -4.60 23.57 -20.25
C ARG A 190 -3.66 23.72 -19.06
N TYR A 191 -2.39 24.01 -19.31
CA TYR A 191 -1.41 24.13 -18.25
C TYR A 191 -1.45 25.50 -17.58
N LYS A 192 -1.97 26.50 -18.28
CA LYS A 192 -1.99 27.87 -17.75
C LYS A 192 -2.47 27.98 -16.30
N PRO A 193 -3.51 27.28 -15.84
CA PRO A 193 -3.92 27.44 -14.43
C PRO A 193 -2.85 27.06 -13.42
N PHE A 194 -1.87 26.26 -13.81
CA PHE A 194 -0.86 25.77 -12.89
C PHE A 194 0.51 26.41 -13.10
N LYS A 195 0.62 27.43 -13.95
CA LYS A 195 1.94 27.90 -14.33
C LYS A 195 2.55 28.87 -13.31
N GLN A 196 1.81 29.28 -12.29
CA GLN A 196 2.44 30.01 -11.20
C GLN A 196 2.14 29.36 -9.85
N LEU A 197 1.84 28.06 -9.85
CA LEU A 197 1.96 27.29 -8.63
C LEU A 197 3.43 27.17 -8.26
N HIS A 198 3.71 27.15 -6.96
CA HIS A 198 5.08 27.01 -6.52
C HIS A 198 5.60 25.60 -6.81
N ASN A 199 6.92 25.49 -6.91
CA ASN A 199 7.60 24.20 -7.01
C ASN A 199 7.30 23.46 -8.30
N ARG A 200 7.65 24.05 -9.44
CA ARG A 200 7.57 23.40 -10.74
C ARG A 200 8.92 22.83 -11.11
N ARG A 201 8.95 21.57 -11.53
CA ARG A 201 10.21 20.88 -11.79
C ARG A 201 10.21 20.18 -13.13
N LEU A 202 11.38 20.12 -13.75
CA LEU A 202 11.58 19.44 -15.01
C LEU A 202 11.97 17.99 -14.75
N LEU A 203 11.11 17.06 -15.16
CA LEU A 203 11.25 15.66 -14.75
C LEU A 203 11.11 14.73 -15.94
N TRP A 204 11.62 13.52 -15.77
CA TRP A 204 11.65 12.50 -16.81
C TRP A 204 10.39 11.66 -16.79
N HIS A 205 9.99 11.21 -17.98
CA HIS A 205 9.01 10.15 -18.13
C HIS A 205 9.43 9.27 -19.29
N GLY A 206 9.75 8.02 -19.02
CA GLY A 206 10.07 7.06 -20.04
C GLY A 206 8.87 6.20 -20.37
N SER A 207 8.81 5.73 -21.61
CA SER A 207 7.81 4.76 -22.03
C SER A 207 8.27 4.12 -23.33
N ARG A 208 7.60 3.04 -23.70
CA ARG A 208 7.93 2.35 -24.93
C ARG A 208 7.75 3.29 -26.12
N THR A 209 8.51 3.04 -27.19
CA THR A 209 8.42 3.87 -28.38
C THR A 209 6.99 3.91 -28.91
N THR A 210 6.38 2.74 -29.08
CA THR A 210 5.03 2.61 -29.59
C THR A 210 4.02 3.47 -28.84
N ASN A 211 4.33 3.90 -27.62
CA ASN A 211 3.35 4.63 -26.82
C ASN A 211 3.34 6.12 -27.11
N PHE A 212 4.37 6.65 -27.79
CA PHE A 212 4.46 8.10 -27.88
C PHE A 212 3.43 8.67 -28.85
N ALA A 213 3.04 7.89 -29.87
CA ALA A 213 1.90 8.28 -30.68
C ALA A 213 0.69 8.60 -29.82
N GLY A 214 0.47 7.80 -28.77
CA GLY A 214 -0.57 8.15 -27.83
C GLY A 214 -0.19 9.38 -27.01
N ILE A 215 1.02 9.38 -26.46
CA ILE A 215 1.41 10.41 -25.51
C ILE A 215 1.41 11.78 -26.19
N LEU A 216 1.92 11.85 -27.42
CA LEU A 216 1.89 13.12 -28.13
C LEU A 216 0.50 13.51 -28.57
N SER A 217 -0.37 12.54 -28.88
CA SER A 217 -1.73 12.88 -29.30
C SER A 217 -2.57 13.41 -28.14
N GLN A 218 -2.69 12.62 -27.08
CA GLN A 218 -3.62 12.92 -26.01
C GLN A 218 -2.94 13.38 -24.72
N GLY A 219 -1.61 13.46 -24.71
CA GLY A 219 -0.89 13.78 -23.49
C GLY A 219 -0.65 12.54 -22.66
N LEU A 220 0.05 12.72 -21.55
CA LEU A 220 0.15 11.66 -20.56
C LEU A 220 -1.17 11.58 -19.80
N ARG A 221 -1.72 10.37 -19.71
CA ARG A 221 -3.03 10.17 -19.12
C ARG A 221 -2.95 9.31 -17.87
N ILE A 222 -4.02 9.37 -17.10
CA ILE A 222 -4.23 8.54 -15.93
C ILE A 222 -4.91 7.25 -16.37
N ALA A 223 -4.63 6.14 -15.68
CA ALA A 223 -5.28 4.87 -15.97
C ALA A 223 -6.80 5.03 -15.96
N PRO A 224 -7.52 4.27 -16.79
CA PRO A 224 -8.99 4.37 -16.80
C PRO A 224 -9.59 4.00 -15.45
N PRO A 225 -10.87 4.29 -15.24
CA PRO A 225 -11.49 3.94 -13.94
C PRO A 225 -11.52 2.45 -13.64
N GLU A 226 -11.53 1.60 -14.67
CA GLU A 226 -11.56 0.16 -14.42
C GLU A 226 -10.23 -0.38 -13.92
N ALA A 227 -9.15 0.39 -14.07
CA ALA A 227 -7.85 -0.09 -13.65
C ALA A 227 -7.79 -0.16 -12.12
N PRO A 228 -7.18 -1.22 -11.57
CA PRO A 228 -7.12 -1.35 -10.11
C PRO A 228 -6.14 -0.34 -9.53
N VAL A 229 -6.62 0.46 -8.57
CA VAL A 229 -5.77 1.48 -7.98
C VAL A 229 -4.60 0.85 -7.24
N THR A 230 -4.73 -0.39 -6.80
CA THR A 230 -3.62 -1.10 -6.16
C THR A 230 -2.63 -1.69 -7.15
N GLY A 231 -2.87 -1.55 -8.45
CA GLY A 231 -1.91 -1.98 -9.44
C GLY A 231 -0.73 -1.06 -9.64
N TYR A 232 -0.71 0.05 -8.91
CA TYR A 232 0.32 1.07 -9.05
C TYR A 232 0.68 1.54 -7.65
N MET A 233 1.99 1.73 -7.41
CA MET A 233 2.49 1.90 -6.05
C MET A 233 1.84 3.10 -5.35
N PHE A 234 1.68 4.22 -6.05
CA PHE A 234 1.11 5.42 -5.45
C PHE A 234 -0.25 5.77 -6.07
N GLY A 235 -0.96 4.75 -6.55
CA GLY A 235 -2.28 4.94 -7.09
C GLY A 235 -2.28 5.43 -8.54
N LYS A 236 -3.44 5.91 -8.96
CA LYS A 236 -3.69 6.20 -10.37
C LYS A 236 -3.34 7.66 -10.64
N GLY A 237 -2.08 7.91 -10.98
CA GLY A 237 -1.63 9.22 -11.36
C GLY A 237 -0.61 9.14 -12.48
N ILE A 238 0.06 10.26 -12.76
CA ILE A 238 1.10 10.33 -13.78
C ILE A 238 2.44 10.40 -13.05
N TYR A 239 3.38 9.55 -13.44
CA TYR A 239 4.60 9.25 -12.70
C TYR A 239 5.81 9.82 -13.42
N PHE A 240 6.68 10.50 -12.66
CA PHE A 240 7.89 11.11 -13.17
C PHE A 240 9.07 10.77 -12.26
N ALA A 241 10.27 10.84 -12.82
CA ALA A 241 11.50 10.63 -12.08
C ALA A 241 12.41 11.84 -12.24
N ASP A 242 13.33 12.01 -11.29
CA ASP A 242 14.40 12.99 -11.43
C ASP A 242 15.74 12.34 -11.73
N MET A 243 15.80 11.02 -11.73
CA MET A 243 16.96 10.26 -12.19
C MET A 243 16.67 9.78 -13.60
N VAL A 244 17.57 10.08 -14.54
CA VAL A 244 17.30 9.76 -15.94
C VAL A 244 17.18 8.26 -16.14
N SER A 245 17.96 7.46 -15.39
CA SER A 245 17.96 6.03 -15.61
C SER A 245 16.70 5.37 -15.06
N LYS A 246 16.12 5.92 -13.98
CA LYS A 246 14.87 5.36 -13.46
C LYS A 246 13.76 5.44 -14.50
N SER A 247 13.60 6.59 -15.15
CA SER A 247 12.64 6.71 -16.24
C SER A 247 13.06 5.88 -17.45
N ALA A 248 14.34 5.93 -17.80
CA ALA A 248 14.81 5.21 -18.99
C ALA A 248 14.56 3.71 -18.87
N ASN A 249 14.52 3.19 -17.64
CA ASN A 249 14.18 1.78 -17.44
C ASN A 249 12.80 1.46 -17.99
N TYR A 250 11.91 2.44 -18.02
CA TYR A 250 10.54 2.22 -18.46
C TYR A 250 10.36 2.39 -19.96
N CYS A 251 11.43 2.69 -20.69
CA CYS A 251 11.41 2.60 -22.14
C CYS A 251 11.26 1.15 -22.59
N HIS A 252 11.65 0.19 -21.75
CA HIS A 252 11.62 -1.23 -22.09
C HIS A 252 12.42 -1.48 -23.37
N THR A 253 13.60 -0.88 -23.39
CA THR A 253 14.59 -1.09 -24.44
C THR A 253 15.20 -2.47 -24.29
N SER A 254 15.76 -2.98 -25.39
CA SER A 254 16.38 -4.30 -25.39
C SER A 254 17.63 -4.25 -26.24
N GLN A 255 18.46 -5.29 -26.10
CA GLN A 255 19.63 -5.44 -26.94
C GLN A 255 19.26 -5.46 -28.42
N GLY A 256 18.13 -6.09 -28.77
CA GLY A 256 17.68 -6.12 -30.14
C GLY A 256 17.07 -4.83 -30.65
N ASP A 257 16.74 -3.91 -29.75
CA ASP A 257 16.13 -2.64 -30.11
C ASP A 257 16.57 -1.60 -29.09
N PRO A 258 17.75 -1.01 -29.31
CA PRO A 258 18.40 -0.20 -28.27
C PRO A 258 18.12 1.30 -28.33
N ILE A 259 17.24 1.78 -29.19
CA ILE A 259 16.89 3.19 -29.26
C ILE A 259 15.58 3.39 -28.53
N GLY A 260 15.53 4.41 -27.67
CA GLY A 260 14.32 4.71 -26.94
C GLY A 260 14.04 6.20 -26.95
N LEU A 261 12.83 6.53 -26.51
CA LEU A 261 12.39 7.91 -26.37
C LEU A 261 12.06 8.18 -24.92
N ILE A 262 12.37 9.38 -24.45
CA ILE A 262 12.08 9.79 -23.09
C ILE A 262 11.62 11.24 -23.11
N LEU A 263 10.76 11.58 -22.16
CA LEU A 263 10.09 12.88 -22.10
C LEU A 263 10.69 13.71 -20.97
N LEU A 264 10.84 15.01 -21.23
CA LEU A 264 11.07 16.00 -20.19
C LEU A 264 9.82 16.84 -20.05
N GLY A 265 9.30 16.94 -18.84
CA GLY A 265 8.07 17.67 -18.60
C GLY A 265 8.21 18.65 -17.44
N GLU A 266 7.60 19.82 -17.62
CA GLU A 266 7.37 20.74 -16.52
C GLU A 266 6.19 20.22 -15.72
N VAL A 267 6.43 19.86 -14.47
CA VAL A 267 5.40 19.33 -13.59
C VAL A 267 5.20 20.32 -12.46
N ALA A 268 3.97 20.78 -12.30
CA ALA A 268 3.60 21.67 -11.20
C ALA A 268 3.30 20.80 -9.99
N LEU A 269 4.30 20.64 -9.11
CA LEU A 269 4.18 19.73 -7.99
C LEU A 269 3.49 20.39 -6.80
N GLY A 270 3.75 21.67 -6.56
CA GLY A 270 3.12 22.35 -5.44
C GLY A 270 3.49 21.70 -4.12
N ASN A 271 2.52 21.64 -3.20
CA ASN A 271 2.71 20.93 -1.95
C ASN A 271 2.85 19.44 -2.22
N MET A 272 4.01 18.88 -1.91
CA MET A 272 4.23 17.46 -2.11
C MET A 272 3.84 16.72 -0.83
N TYR A 273 3.09 15.64 -1.00
CA TYR A 273 2.75 14.73 0.08
C TYR A 273 3.83 13.65 0.09
N GLU A 274 4.66 13.65 1.12
CA GLU A 274 5.86 12.84 1.13
C GLU A 274 5.56 11.45 1.67
N LEU A 275 5.93 10.42 0.92
CA LEU A 275 5.62 9.05 1.26
C LEU A 275 6.86 8.18 1.07
N LYS A 276 7.04 7.20 1.96
CA LYS A 276 8.15 6.28 1.87
C LYS A 276 7.72 4.87 1.46
N HIS A 277 6.42 4.59 1.39
CA HIS A 277 5.93 3.27 1.06
C HIS A 277 4.64 3.41 0.26
N ALA A 278 4.18 2.29 -0.29
CA ALA A 278 3.06 2.33 -1.24
C ALA A 278 1.80 2.86 -0.58
N SER A 279 1.02 3.62 -1.35
CA SER A 279 -0.20 4.22 -0.85
C SER A 279 -1.16 4.35 -2.03
N HIS A 280 -2.07 3.39 -2.17
CA HIS A 280 -2.93 3.27 -3.35
C HIS A 280 -4.13 4.21 -3.20
N ILE A 281 -3.97 5.41 -3.75
CA ILE A 281 -4.94 6.49 -3.64
C ILE A 281 -5.33 6.93 -5.04
N SER A 282 -6.49 7.58 -5.14
CA SER A 282 -6.86 8.29 -6.35
C SER A 282 -6.92 9.80 -6.15
N LYS A 283 -7.07 10.28 -4.91
CA LYS A 283 -7.09 11.70 -4.60
C LYS A 283 -6.06 12.02 -3.53
N LEU A 284 -5.65 13.26 -3.54
CA LEU A 284 -4.75 13.72 -2.51
C LEU A 284 -5.55 14.26 -1.32
N PRO A 285 -4.93 14.32 -0.14
CA PRO A 285 -5.53 15.09 0.95
C PRO A 285 -5.64 16.55 0.58
N LYS A 286 -6.68 17.20 1.09
CA LYS A 286 -6.95 18.59 0.74
C LYS A 286 -5.74 19.47 1.04
N GLY A 287 -5.33 20.26 0.05
CA GLY A 287 -4.20 21.14 0.19
C GLY A 287 -2.88 20.62 -0.35
N LYS A 288 -2.84 19.37 -0.84
CA LYS A 288 -1.65 18.81 -1.47
C LYS A 288 -1.87 18.70 -2.96
N HIS A 289 -0.80 18.91 -3.74
CA HIS A 289 -0.89 18.92 -5.19
C HIS A 289 -0.20 17.76 -5.87
N SER A 290 0.63 17.01 -5.16
CA SER A 290 1.43 15.94 -5.76
C SER A 290 1.85 15.00 -4.64
N VAL A 291 2.33 13.81 -5.02
CA VAL A 291 2.98 12.90 -4.09
C VAL A 291 4.46 12.81 -4.46
N LYS A 292 5.32 12.84 -3.45
CA LYS A 292 6.74 12.59 -3.64
C LYS A 292 7.12 11.33 -2.87
N GLY A 293 7.49 10.28 -3.59
CA GLY A 293 8.08 9.11 -3.00
C GLY A 293 9.58 9.28 -2.81
N LEU A 294 10.02 9.24 -1.55
CA LEU A 294 11.38 9.63 -1.21
C LEU A 294 12.34 8.44 -1.34
N GLY A 295 13.40 8.63 -2.11
CA GLY A 295 14.41 7.61 -2.25
C GLY A 295 15.54 7.79 -1.25
N LYS A 296 16.33 6.73 -1.06
CA LYS A 296 17.55 6.89 -0.28
C LYS A 296 18.61 7.68 -1.01
N THR A 297 18.47 7.82 -2.33
CA THR A 297 19.39 8.59 -3.14
C THR A 297 18.63 9.67 -3.88
N THR A 298 19.10 10.91 -3.77
CA THR A 298 18.49 12.06 -4.41
C THR A 298 19.52 12.80 -5.24
N PRO A 299 19.08 13.49 -6.31
CA PRO A 299 19.96 14.47 -6.96
C PRO A 299 20.30 15.60 -5.99
N ASP A 300 21.57 15.99 -6.00
CA ASP A 300 22.11 16.96 -5.05
C ASP A 300 21.41 18.31 -5.16
N PRO A 301 20.70 18.75 -4.11
CA PRO A 301 19.94 20.01 -4.22
C PRO A 301 20.82 21.24 -4.36
N SER A 302 22.02 21.22 -3.76
CA SER A 302 23.11 22.14 -4.10
C SER A 302 23.08 22.56 -5.56
N ALA A 303 22.98 21.60 -6.46
CA ALA A 303 23.32 21.79 -7.87
C ALA A 303 22.11 22.03 -8.76
N ASN A 304 20.95 22.36 -8.20
CA ASN A 304 19.78 22.62 -9.04
C ASN A 304 19.96 23.94 -9.79
N ILE A 305 19.47 24.00 -11.02
CA ILE A 305 19.50 25.22 -11.81
C ILE A 305 18.09 25.54 -12.27
N SER A 306 17.93 26.63 -13.03
CA SER A 306 16.62 27.00 -13.53
C SER A 306 16.65 27.15 -15.05
N LEU A 307 15.58 26.68 -15.68
CA LEU A 307 15.39 26.78 -17.13
C LEU A 307 13.95 27.19 -17.39
N ASP A 308 13.76 28.31 -18.09
CA ASP A 308 12.46 28.96 -18.22
C ASP A 308 11.70 28.97 -16.90
N GLY A 309 12.38 29.42 -15.85
CA GLY A 309 11.78 29.55 -14.54
C GLY A 309 11.36 28.24 -13.89
N VAL A 310 11.85 27.11 -14.39
CA VAL A 310 11.53 25.80 -13.84
C VAL A 310 12.79 25.19 -13.25
N ASP A 311 12.68 24.62 -12.06
CA ASP A 311 13.84 23.99 -11.43
C ASP A 311 14.24 22.71 -12.17
N VAL A 312 15.54 22.56 -12.40
CA VAL A 312 16.13 21.36 -12.97
C VAL A 312 17.07 20.75 -11.95
N PRO A 313 16.75 19.56 -11.41
CA PRO A 313 17.59 18.87 -10.43
C PRO A 313 18.64 17.97 -11.08
N LEU A 314 19.61 18.59 -11.76
CA LEU A 314 20.64 17.86 -12.48
C LEU A 314 21.87 17.57 -11.63
N GLY A 315 21.76 17.71 -10.31
CA GLY A 315 22.87 17.38 -9.44
C GLY A 315 23.22 15.91 -9.47
N THR A 316 24.40 15.60 -8.92
CA THR A 316 24.83 14.21 -8.85
C THR A 316 24.21 13.52 -7.65
N GLY A 317 24.18 12.19 -7.69
CA GLY A 317 23.45 11.43 -6.69
C GLY A 317 24.17 11.44 -5.34
N ILE A 318 23.43 11.84 -4.30
CA ILE A 318 23.91 11.79 -2.91
C ILE A 318 22.81 11.16 -2.04
N SER A 319 23.16 10.88 -0.79
CA SER A 319 22.19 10.31 0.14
C SER A 319 21.15 11.36 0.56
N SER A 320 19.86 10.99 0.52
CA SER A 320 18.76 11.87 0.93
C SER A 320 18.85 12.27 2.38
N GLY A 321 19.33 11.36 3.22
CA GLY A 321 19.09 11.39 4.64
C GLY A 321 17.74 10.82 5.04
N VAL A 322 17.09 10.04 4.19
CA VAL A 322 15.83 9.37 4.51
C VAL A 322 16.14 7.92 4.81
N ASN A 323 15.66 7.43 5.97
CA ASN A 323 16.16 6.15 6.47
C ASN A 323 15.18 4.99 6.30
N ASP A 324 13.93 5.14 6.74
CA ASP A 324 12.99 4.02 6.65
C ASP A 324 12.13 4.14 5.41
N THR A 325 12.78 4.33 4.27
CA THR A 325 12.15 4.38 2.96
C THR A 325 12.34 3.07 2.21
N SER A 326 11.38 2.76 1.35
CA SER A 326 11.42 1.56 0.51
C SER A 326 11.71 1.87 -0.96
N LEU A 327 12.19 3.08 -1.26
CA LEU A 327 12.51 3.49 -2.62
C LEU A 327 13.98 3.84 -2.72
N LEU A 328 14.65 3.35 -3.75
CA LEU A 328 16.04 3.72 -3.97
C LEU A 328 16.15 5.15 -4.47
N TYR A 329 15.21 5.58 -5.32
CA TYR A 329 15.25 6.90 -5.92
C TYR A 329 13.86 7.54 -5.87
N ASN A 330 13.84 8.86 -6.02
CA ASN A 330 12.62 9.63 -5.91
C ASN A 330 11.60 9.22 -6.97
N GLU A 331 10.34 9.55 -6.68
CA GLU A 331 9.25 9.45 -7.63
C GLU A 331 8.32 10.63 -7.42
N TYR A 332 7.76 11.16 -8.50
CA TYR A 332 6.84 12.28 -8.40
C TYR A 332 5.55 11.88 -9.09
N ILE A 333 4.41 12.10 -8.45
CA ILE A 333 3.13 11.65 -8.98
C ILE A 333 2.15 12.81 -8.92
N VAL A 334 1.49 13.07 -10.05
CA VAL A 334 0.43 14.08 -10.09
C VAL A 334 -0.89 13.40 -10.45
N TYR A 335 -1.98 13.94 -9.93
CA TYR A 335 -3.29 13.31 -10.08
C TYR A 335 -4.25 14.17 -10.91
N ASP A 336 -3.72 15.04 -11.75
CA ASP A 336 -4.51 15.85 -12.66
C ASP A 336 -3.69 16.07 -13.92
N ILE A 337 -4.23 15.68 -15.07
CA ILE A 337 -3.47 15.75 -16.31
C ILE A 337 -3.09 17.18 -16.67
N ALA A 338 -3.83 18.16 -16.15
CA ALA A 338 -3.51 19.56 -16.43
C ALA A 338 -2.24 20.02 -15.74
N GLN A 339 -1.75 19.27 -14.74
CA GLN A 339 -0.57 19.68 -13.99
C GLN A 339 0.74 19.33 -14.71
N VAL A 340 0.67 18.95 -15.98
CA VAL A 340 1.84 18.54 -16.75
C VAL A 340 1.92 19.37 -18.03
N ASN A 341 3.11 19.85 -18.36
CA ASN A 341 3.37 20.56 -19.62
C ASN A 341 4.64 19.94 -20.22
N LEU A 342 4.48 19.11 -21.24
CA LEU A 342 5.62 18.44 -21.83
C LEU A 342 6.45 19.45 -22.63
N LYS A 343 7.76 19.45 -22.39
CA LYS A 343 8.66 20.44 -22.98
C LYS A 343 9.61 19.84 -24.01
N TYR A 344 10.25 18.73 -23.69
CA TYR A 344 11.29 18.16 -24.54
C TYR A 344 11.07 16.66 -24.72
N LEU A 345 11.52 16.16 -25.87
CA LEU A 345 11.52 14.73 -26.19
C LEU A 345 12.92 14.34 -26.63
N LEU A 346 13.42 13.24 -26.07
CA LEU A 346 14.80 12.82 -26.27
C LEU A 346 14.87 11.44 -26.91
N LYS A 347 15.69 11.33 -27.96
CA LYS A 347 16.04 10.06 -28.56
C LYS A 347 17.33 9.56 -27.92
N LEU A 348 17.29 8.37 -27.31
CA LEU A 348 18.43 7.86 -26.56
C LEU A 348 18.89 6.52 -27.14
N LYS A 349 20.20 6.38 -27.31
CA LYS A 349 20.84 5.12 -27.64
C LYS A 349 21.28 4.45 -26.35
N PHE A 350 20.81 3.22 -26.16
CA PHE A 350 21.16 2.42 -24.99
C PHE A 350 22.35 1.54 -25.35
N ASN A 351 23.51 1.83 -24.76
CA ASN A 351 24.69 1.00 -24.95
C ASN A 351 24.71 -0.03 -23.83
N PHE A 352 24.36 -1.26 -24.16
CA PHE A 352 24.25 -2.35 -23.19
C PHE A 352 25.64 -2.89 -22.87
N LYS A 353 25.98 -2.91 -21.59
CA LYS A 353 27.30 -3.31 -21.08
C LYS A 353 27.47 -4.81 -21.10
N THR A 354 28.02 -5.33 -22.19
CA THR A 354 28.26 -6.76 -22.32
C THR A 354 29.76 -7.03 -22.54
N LYS B 5 -7.32 -16.12 50.93
CA LYS B 5 -7.89 -16.11 49.56
C LYS B 5 -8.36 -14.68 49.23
N SER B 6 -8.57 -14.39 47.93
CA SER B 6 -8.90 -13.08 47.40
C SER B 6 -10.36 -12.78 47.66
N LYS B 7 -10.65 -11.50 47.88
CA LYS B 7 -12.02 -11.02 47.93
C LYS B 7 -12.31 -10.12 46.73
N LEU B 8 -11.59 -10.33 45.64
CA LEU B 8 -12.04 -9.73 44.39
C LEU B 8 -13.33 -10.42 43.99
N PRO B 9 -14.22 -9.72 43.28
CA PRO B 9 -15.37 -10.41 42.71
C PRO B 9 -14.87 -11.55 41.84
N LYS B 10 -15.62 -12.65 41.82
CA LYS B 10 -15.00 -13.84 41.24
C LYS B 10 -14.96 -13.80 39.71
N PRO B 11 -15.80 -13.01 39.03
CA PRO B 11 -15.50 -12.74 37.62
C PRO B 11 -14.12 -12.13 37.41
N VAL B 12 -13.74 -11.18 38.27
CA VAL B 12 -12.41 -10.59 38.18
C VAL B 12 -11.35 -11.66 38.41
N GLN B 13 -11.62 -12.60 39.31
CA GLN B 13 -10.64 -13.64 39.60
C GLN B 13 -10.47 -14.59 38.42
N ASP B 14 -11.57 -14.98 37.77
CA ASP B 14 -11.45 -15.82 36.57
C ASP B 14 -10.78 -15.06 35.43
N LEU B 15 -11.06 -13.76 35.30
CA LEU B 15 -10.40 -12.96 34.29
C LEU B 15 -8.89 -12.96 34.50
N ILE B 16 -8.46 -12.78 35.75
CA ILE B 16 -7.04 -12.84 36.07
C ILE B 16 -6.49 -14.24 35.81
N LYS B 17 -7.19 -15.30 36.17
CA LYS B 17 -6.69 -16.66 35.91
C LYS B 17 -6.49 -16.86 34.40
N MET B 18 -7.37 -16.26 33.62
CA MET B 18 -7.30 -16.43 32.17
C MET B 18 -6.15 -15.64 31.56
N ILE B 19 -5.95 -14.40 32.03
CA ILE B 19 -4.96 -13.53 31.43
C ILE B 19 -3.55 -14.05 31.64
N PHE B 20 -3.28 -14.70 32.78
CA PHE B 20 -1.93 -15.07 33.16
C PHE B 20 -1.67 -16.56 32.99
N ASP B 21 -2.31 -17.21 32.02
CA ASP B 21 -2.12 -18.64 31.83
C ASP B 21 -0.86 -18.88 30.99
N VAL B 22 0.10 -19.60 31.59
CA VAL B 22 1.35 -19.92 30.91
C VAL B 22 1.10 -20.85 29.72
N GLU B 23 0.24 -21.84 29.92
CA GLU B 23 -0.06 -22.80 28.86
C GLU B 23 -0.71 -22.13 27.67
N SER B 24 -1.51 -21.08 27.90
CA SER B 24 -2.12 -20.36 26.80
C SER B 24 -1.06 -19.65 25.97
N MET B 25 -0.02 -19.12 26.62
CA MET B 25 1.07 -18.49 25.88
C MET B 25 1.86 -19.51 25.06
N LYS B 26 2.18 -20.66 25.65
CA LYS B 26 2.87 -21.71 24.91
C LYS B 26 2.02 -22.20 23.72
N LYS B 27 0.70 -22.31 23.91
CA LYS B 27 -0.18 -22.72 22.83
C LYS B 27 -0.20 -21.68 21.71
N ALA B 28 -0.29 -20.39 22.06
CA ALA B 28 -0.23 -19.35 21.05
C ALA B 28 1.06 -19.44 20.25
N MET B 29 2.18 -19.65 20.94
CA MET B 29 3.46 -19.77 20.24
C MET B 29 3.48 -20.99 19.32
N VAL B 30 2.93 -22.12 19.78
CA VAL B 30 2.86 -23.32 18.94
C VAL B 30 1.95 -23.08 17.73
N GLU B 31 0.97 -22.18 17.86
CA GLU B 31 0.06 -21.91 16.75
C GLU B 31 0.74 -21.10 15.65
N TYR B 32 1.79 -20.37 16.00
CA TYR B 32 2.59 -19.64 15.03
C TYR B 32 3.78 -20.45 14.53
N GLU B 33 3.82 -21.75 14.82
CA GLU B 33 4.86 -22.65 14.35
C GLU B 33 6.23 -22.29 14.92
N ILE B 34 6.25 -21.70 16.10
CA ILE B 34 7.51 -21.40 16.77
C ILE B 34 8.03 -22.67 17.45
N ASP B 35 9.34 -22.89 17.40
CA ASP B 35 9.93 -24.07 18.02
C ASP B 35 10.12 -23.79 19.50
N LEU B 36 9.33 -24.45 20.34
CA LEU B 36 9.35 -24.18 21.76
C LEU B 36 10.55 -24.79 22.48
N GLN B 37 11.30 -25.68 21.83
CA GLN B 37 12.52 -26.18 22.44
C GLN B 37 13.71 -25.27 22.17
N LYS B 38 13.82 -24.73 20.95
CA LYS B 38 14.93 -23.84 20.62
C LYS B 38 14.75 -22.44 21.16
N MET B 39 13.52 -22.02 21.42
CA MET B 39 13.23 -20.65 21.86
C MET B 39 12.03 -20.68 22.79
N PRO B 40 12.21 -21.20 24.01
CA PRO B 40 11.06 -21.34 24.92
C PRO B 40 10.58 -20.01 25.48
N LEU B 41 9.52 -20.06 26.28
CA LEU B 41 8.89 -18.86 26.78
C LEU B 41 9.85 -18.02 27.61
N GLY B 42 10.66 -18.66 28.46
CA GLY B 42 11.58 -17.96 29.33
C GLY B 42 12.69 -17.26 28.60
N LYS B 43 12.84 -17.58 27.32
CA LYS B 43 13.85 -16.99 26.50
C LYS B 43 13.33 -16.07 25.42
N LEU B 44 12.16 -15.52 25.65
CA LEU B 44 11.67 -14.45 24.81
C LEU B 44 12.28 -13.14 25.27
N SER B 45 12.96 -12.46 24.36
CA SER B 45 13.59 -11.19 24.64
C SER B 45 12.98 -10.13 23.72
N LYS B 46 12.84 -8.92 24.26
CA LYS B 46 12.41 -7.81 23.43
C LYS B 46 13.40 -7.56 22.29
N ARG B 47 14.70 -7.68 22.57
CA ARG B 47 15.71 -7.41 21.55
C ARG B 47 15.66 -8.43 20.42
N GLN B 48 15.37 -9.69 20.74
CA GLN B 48 15.21 -10.71 19.70
C GLN B 48 14.03 -10.37 18.79
N ILE B 49 12.90 -10.00 19.39
CA ILE B 49 11.72 -9.65 18.61
C ILE B 49 11.99 -8.43 17.73
N GLN B 50 12.70 -7.44 18.26
CA GLN B 50 12.98 -6.24 17.47
C GLN B 50 13.95 -6.55 16.32
N ALA B 51 14.95 -7.40 16.56
CA ALA B 51 15.85 -7.79 15.49
C ALA B 51 15.10 -8.54 14.40
N ALA B 52 14.16 -9.41 14.80
CA ALA B 52 13.33 -10.09 13.82
C ALA B 52 12.48 -9.11 13.03
N TYR B 53 11.96 -8.08 13.71
CA TYR B 53 11.22 -7.02 13.03
C TYR B 53 12.06 -6.36 11.96
N SER B 54 13.32 -6.02 12.28
CA SER B 54 14.17 -5.35 11.30
C SER B 54 14.52 -6.27 10.13
N ILE B 55 14.73 -7.56 10.39
CA ILE B 55 14.92 -8.49 9.27
C ILE B 55 13.66 -8.55 8.41
N LEU B 56 12.49 -8.47 9.05
CA LEU B 56 11.23 -8.42 8.31
C LEU B 56 11.14 -7.17 7.45
N SER B 57 11.63 -6.04 7.95
CA SER B 57 11.61 -4.83 7.14
C SER B 57 12.60 -4.91 5.99
N GLU B 58 13.69 -5.66 6.16
CA GLU B 58 14.58 -5.89 5.04
C GLU B 58 13.92 -6.78 3.98
N VAL B 59 13.16 -7.79 4.40
CA VAL B 59 12.41 -8.59 3.45
C VAL B 59 11.33 -7.73 2.77
N GLN B 60 10.73 -6.82 3.52
CA GLN B 60 9.79 -5.86 2.95
C GLN B 60 10.44 -5.09 1.81
N GLN B 61 11.63 -4.52 2.08
CA GLN B 61 12.32 -3.79 1.01
C GLN B 61 12.63 -4.67 -0.17
N ALA B 62 13.05 -5.90 0.09
CA ALA B 62 13.38 -6.80 -1.01
C ALA B 62 12.15 -7.06 -1.86
N VAL B 63 11.02 -7.30 -1.20
CA VAL B 63 9.78 -7.59 -1.91
C VAL B 63 9.30 -6.39 -2.72
N SER B 64 9.33 -5.16 -2.18
CA SER B 64 8.72 -4.12 -3.01
C SER B 64 9.61 -3.79 -4.20
N GLN B 65 10.90 -4.16 -4.15
CA GLN B 65 11.83 -3.86 -5.24
C GLN B 65 12.07 -5.07 -6.13
N GLY B 66 11.06 -5.94 -6.28
CA GLY B 66 11.11 -7.04 -7.22
C GLY B 66 12.40 -7.84 -7.20
N SER B 67 12.74 -8.46 -6.08
CA SER B 67 14.03 -9.15 -5.95
C SER B 67 14.00 -10.59 -6.43
N SER B 68 15.20 -11.10 -6.67
CA SER B 68 15.42 -12.52 -6.89
C SER B 68 14.92 -13.33 -5.70
N ASP B 69 14.49 -14.56 -5.99
CA ASP B 69 14.25 -15.48 -4.90
C ASP B 69 15.56 -16.09 -4.38
N SER B 70 16.63 -16.06 -5.18
CA SER B 70 17.99 -16.08 -4.66
C SER B 70 18.14 -15.10 -3.49
N GLN B 71 17.96 -13.81 -3.78
CA GLN B 71 18.15 -12.74 -2.80
C GLN B 71 17.13 -12.83 -1.64
N ILE B 72 15.88 -13.27 -1.91
CA ILE B 72 14.91 -13.45 -0.83
C ILE B 72 15.25 -14.65 0.06
N LEU B 73 15.93 -15.66 -0.49
CA LEU B 73 16.28 -16.86 0.29
C LEU B 73 17.14 -16.51 1.50
N ASP B 74 18.17 -15.69 1.31
CA ASP B 74 19.04 -15.31 2.41
C ASP B 74 18.28 -14.57 3.50
N LEU B 75 17.41 -13.64 3.10
CA LEU B 75 16.65 -12.87 4.08
C LEU B 75 15.71 -13.77 4.85
N SER B 76 15.23 -14.80 4.16
CA SER B 76 14.23 -15.68 4.72
C SER B 76 14.87 -16.62 5.76
N ASN B 77 16.08 -17.08 5.46
CA ASN B 77 16.87 -17.88 6.40
C ASN B 77 17.33 -17.02 7.57
N ARG B 78 17.67 -15.76 7.32
CA ARG B 78 18.07 -14.84 8.38
C ARG B 78 16.93 -14.63 9.37
N PHE B 79 15.72 -14.44 8.85
CA PHE B 79 14.55 -14.31 9.73
C PHE B 79 14.33 -15.56 10.55
N TYR B 80 14.42 -16.73 9.92
CA TYR B 80 14.21 -17.95 10.69
C TYR B 80 15.32 -18.20 11.69
N THR B 81 16.51 -17.62 11.48
CA THR B 81 17.55 -17.72 12.48
C THR B 81 17.25 -16.82 13.67
N LEU B 82 16.56 -15.70 13.42
CA LEU B 82 16.21 -14.84 14.57
C LEU B 82 15.04 -15.42 15.37
N ILE B 83 14.02 -15.95 14.72
CA ILE B 83 12.89 -16.58 15.39
C ILE B 83 12.82 -18.04 14.94
N PRO B 84 13.28 -18.98 15.77
CA PRO B 84 13.26 -20.40 15.37
C PRO B 84 11.84 -20.92 15.22
N HIS B 85 11.60 -21.63 14.13
CA HIS B 85 10.31 -22.24 13.81
C HIS B 85 10.43 -23.75 13.93
N ASP B 86 9.29 -24.43 13.94
CA ASP B 86 9.28 -25.88 14.13
C ASP B 86 9.02 -26.55 12.79
N PHE B 87 10.10 -26.76 12.04
CA PHE B 87 10.08 -27.53 10.80
C PHE B 87 10.96 -28.77 10.90
N GLY B 88 11.40 -29.11 12.11
CA GLY B 88 12.28 -30.24 12.31
C GLY B 88 13.63 -29.98 11.69
N MET B 89 14.08 -30.90 10.84
CA MET B 89 15.29 -30.65 10.08
C MET B 89 15.03 -30.60 8.58
N LYS B 90 13.87 -30.08 8.17
CA LYS B 90 13.50 -29.73 6.81
C LYS B 90 13.91 -28.30 6.51
N LYS B 91 13.74 -27.93 5.24
CA LYS B 91 13.97 -26.54 4.88
C LYS B 91 12.68 -25.75 5.08
N PRO B 92 12.75 -24.61 5.76
CA PRO B 92 11.54 -23.82 6.05
C PRO B 92 10.95 -23.20 4.80
N PRO B 93 9.65 -22.92 4.79
CA PRO B 93 9.03 -22.22 3.66
C PRO B 93 9.60 -20.81 3.52
N LEU B 94 9.49 -20.27 2.32
CA LEU B 94 10.14 -19.02 1.96
C LEU B 94 9.21 -17.82 2.09
N LEU B 95 9.78 -16.70 2.55
CA LEU B 95 9.07 -15.44 2.78
C LEU B 95 9.29 -14.53 1.57
N ASN B 96 8.45 -14.71 0.54
CA ASN B 96 8.69 -14.10 -0.76
C ASN B 96 7.73 -13.00 -1.15
N ASN B 97 6.64 -12.79 -0.41
CA ASN B 97 5.59 -11.89 -0.85
C ASN B 97 5.02 -11.13 0.33
N ALA B 98 4.06 -10.27 0.03
CA ALA B 98 3.49 -9.38 1.04
C ALA B 98 2.68 -10.14 2.10
N ASP B 99 2.01 -11.25 1.74
CA ASP B 99 1.33 -12.03 2.79
C ASP B 99 2.27 -12.48 3.88
N SER B 100 3.42 -13.00 3.48
CA SER B 100 4.40 -13.45 4.45
C SER B 100 4.75 -12.32 5.39
N VAL B 101 4.96 -11.12 4.84
CA VAL B 101 5.30 -9.97 5.68
C VAL B 101 4.19 -9.70 6.68
N GLN B 102 2.94 -9.72 6.21
CA GLN B 102 1.81 -9.40 7.11
C GLN B 102 1.63 -10.47 8.18
N ALA B 103 1.71 -11.74 7.78
CA ALA B 103 1.58 -12.84 8.73
C ALA B 103 2.68 -12.79 9.79
N LYS B 104 3.92 -12.60 9.35
CA LYS B 104 5.04 -12.56 10.30
C LYS B 104 4.97 -11.32 11.19
N ALA B 105 4.44 -10.20 10.69
CA ALA B 105 4.28 -9.05 11.55
C ALA B 105 3.19 -9.27 12.59
N GLU B 106 2.09 -9.91 12.19
CA GLU B 106 1.07 -10.30 13.15
C GLU B 106 1.66 -11.19 14.23
N MET B 107 2.44 -12.19 13.81
CA MET B 107 3.05 -13.13 14.75
C MET B 107 4.00 -12.40 15.70
N LEU B 108 4.80 -11.47 15.19
CA LEU B 108 5.76 -10.78 16.06
C LEU B 108 5.06 -9.81 17.01
N ASP B 109 3.96 -9.20 16.58
CA ASP B 109 3.17 -8.39 17.52
C ASP B 109 2.67 -9.24 18.68
N ASN B 110 2.10 -10.40 18.37
CA ASN B 110 1.60 -11.25 19.46
C ASN B 110 2.75 -11.77 20.31
N LEU B 111 3.93 -12.01 19.72
CA LEU B 111 5.08 -12.45 20.49
C LEU B 111 5.56 -11.36 21.45
N LEU B 112 5.60 -10.11 20.98
CA LEU B 112 5.96 -9.01 21.87
C LEU B 112 5.00 -8.94 23.05
N ASP B 113 3.70 -9.13 22.80
CA ASP B 113 2.74 -9.10 23.89
C ASP B 113 2.95 -10.28 24.85
N ILE B 114 3.22 -11.46 24.31
CA ILE B 114 3.47 -12.63 25.15
C ILE B 114 4.69 -12.40 26.03
N GLU B 115 5.75 -11.79 25.46
CA GLU B 115 6.93 -11.49 26.26
C GLU B 115 6.60 -10.51 27.37
N VAL B 116 5.80 -9.48 27.08
CA VAL B 116 5.41 -8.55 28.13
C VAL B 116 4.66 -9.29 29.24
N ALA B 117 3.78 -10.21 28.86
CA ALA B 117 3.00 -10.94 29.87
C ALA B 117 3.88 -11.83 30.72
N TYR B 118 4.82 -12.55 30.10
CA TYR B 118 5.67 -13.45 30.86
C TYR B 118 6.65 -12.69 31.76
N SER B 119 7.21 -11.59 31.26
CA SER B 119 8.06 -10.74 32.09
C SER B 119 7.28 -10.19 33.27
N LEU B 120 6.03 -9.79 33.05
CA LEU B 120 5.18 -9.37 34.17
C LEU B 120 5.01 -10.52 35.16
N LEU B 121 4.73 -11.72 34.65
CA LEU B 121 4.44 -12.85 35.53
C LEU B 121 5.63 -13.21 36.41
N ARG B 122 6.84 -13.22 35.85
CA ARG B 122 8.03 -13.68 36.57
C ARG B 122 8.88 -12.54 37.14
N GLY B 123 8.41 -11.30 37.07
CA GLY B 123 9.28 -10.19 37.41
C GLY B 123 8.95 -9.30 38.60
N GLY B 124 8.17 -9.80 39.55
CA GLY B 124 7.86 -8.96 40.70
C GLY B 124 8.37 -9.52 42.01
N SER B 125 7.52 -9.50 43.03
CA SER B 125 7.80 -10.12 44.31
C SER B 125 6.83 -11.28 44.47
N ASP B 126 7.23 -12.27 45.26
CA ASP B 126 6.33 -13.38 45.52
C ASP B 126 6.17 -13.60 47.02
N ASP B 127 4.92 -13.78 47.42
CA ASP B 127 4.51 -13.79 48.82
C ASP B 127 3.51 -14.92 48.98
N SER B 128 3.94 -15.99 49.65
CA SER B 128 3.06 -17.14 49.86
C SER B 128 1.83 -16.78 50.70
N SER B 129 1.94 -15.75 51.54
CA SER B 129 0.78 -15.26 52.28
C SER B 129 -0.33 -14.80 51.36
N LYS B 130 0.01 -14.21 50.22
CA LYS B 130 -0.97 -13.59 49.34
C LYS B 130 -1.48 -14.59 48.32
N ASP B 131 -2.76 -14.43 47.93
CA ASP B 131 -3.31 -15.22 46.83
C ASP B 131 -2.60 -14.82 45.54
N PRO B 132 -2.10 -15.79 44.76
CA PRO B 132 -1.50 -15.43 43.46
C PRO B 132 -2.41 -14.59 42.59
N ILE B 133 -3.73 -14.76 42.72
CA ILE B 133 -4.68 -13.95 41.96
C ILE B 133 -4.49 -12.47 42.28
N ASP B 134 -4.38 -12.13 43.57
CA ASP B 134 -4.20 -10.73 43.96
C ASP B 134 -2.84 -10.19 43.50
N VAL B 135 -1.79 -11.00 43.66
CA VAL B 135 -0.46 -10.56 43.25
C VAL B 135 -0.45 -10.22 41.77
N ASN B 136 -1.00 -11.11 40.94
CA ASN B 136 -1.02 -10.84 39.51
C ASN B 136 -1.98 -9.73 39.14
N TYR B 137 -3.10 -9.61 39.86
CA TYR B 137 -4.04 -8.50 39.63
C TYR B 137 -3.36 -7.16 39.80
N GLU B 138 -2.47 -7.03 40.80
CA GLU B 138 -1.86 -5.73 41.04
C GLU B 138 -0.74 -5.41 40.06
N LYS B 139 -0.23 -6.40 39.34
CA LYS B 139 0.75 -6.15 38.29
C LYS B 139 0.15 -5.41 37.09
N LEU B 140 -1.17 -5.49 36.89
CA LEU B 140 -1.81 -4.87 35.74
C LEU B 140 -1.91 -3.35 35.85
N LYS B 141 -1.65 -2.77 37.02
CA LYS B 141 -1.89 -1.35 37.30
C LYS B 141 -3.18 -0.84 36.65
N THR B 142 -4.25 -1.60 36.84
CA THR B 142 -5.57 -1.21 36.36
C THR B 142 -6.59 -1.51 37.44
N ASP B 143 -7.58 -0.63 37.55
CA ASP B 143 -8.75 -0.90 38.38
C ASP B 143 -9.77 -1.62 37.52
N ILE B 144 -10.14 -2.83 37.91
CA ILE B 144 -11.07 -3.67 37.16
C ILE B 144 -12.29 -3.88 38.03
N LYS B 145 -13.43 -3.37 37.58
CA LYS B 145 -14.68 -3.49 38.33
C LYS B 145 -15.68 -4.27 37.50
N VAL B 146 -16.48 -5.10 38.16
CA VAL B 146 -17.55 -5.81 37.47
C VAL B 146 -18.72 -4.87 37.29
N VAL B 147 -19.26 -4.81 36.08
CA VAL B 147 -20.43 -3.99 35.79
C VAL B 147 -21.68 -4.78 36.14
N ASP B 148 -22.64 -4.11 36.76
CA ASP B 148 -23.88 -4.77 37.15
C ASP B 148 -24.70 -5.07 35.89
N ARG B 149 -25.21 -6.30 35.79
CA ARG B 149 -25.85 -6.72 34.55
C ARG B 149 -27.17 -5.98 34.31
N ASP B 150 -27.72 -5.34 35.33
CA ASP B 150 -28.95 -4.56 35.18
C ASP B 150 -28.70 -3.07 35.05
N SER B 151 -27.44 -2.64 34.94
CA SER B 151 -27.13 -1.23 34.74
C SER B 151 -27.56 -0.80 33.34
N GLU B 152 -27.41 0.50 33.05
CA GLU B 152 -27.65 0.99 31.70
C GLU B 152 -26.41 0.85 30.81
N GLU B 153 -25.21 0.96 31.39
CA GLU B 153 -24.00 0.58 30.68
C GLU B 153 -24.14 -0.80 30.06
N ALA B 154 -24.56 -1.78 30.87
CA ALA B 154 -24.68 -3.14 30.40
C ALA B 154 -25.72 -3.27 29.29
N GLU B 155 -26.87 -2.60 29.43
CA GLU B 155 -27.87 -2.58 28.37
C GLU B 155 -27.26 -2.08 27.06
N ILE B 156 -26.60 -0.92 27.10
CA ILE B 156 -26.05 -0.35 25.86
C ILE B 156 -24.97 -1.25 25.28
N ILE B 157 -24.14 -1.84 26.13
CA ILE B 157 -23.04 -2.68 25.65
C ILE B 157 -23.58 -3.97 25.05
N ARG B 158 -24.59 -4.57 25.68
CA ARG B 158 -25.23 -5.75 25.12
C ARG B 158 -25.90 -5.43 23.78
N LYS B 159 -26.51 -4.25 23.65
CA LYS B 159 -27.12 -3.90 22.37
C LYS B 159 -26.05 -3.65 21.30
N TYR B 160 -24.90 -3.12 21.72
CA TYR B 160 -23.77 -2.96 20.81
C TYR B 160 -23.30 -4.31 20.29
N VAL B 161 -23.18 -5.28 21.20
CA VAL B 161 -22.80 -6.64 20.79
C VAL B 161 -23.85 -7.24 19.87
N LYS B 162 -25.13 -7.07 20.22
CA LYS B 162 -26.21 -7.74 19.49
C LYS B 162 -26.39 -7.16 18.09
N ASN B 163 -26.19 -5.84 17.92
CA ASN B 163 -26.59 -5.18 16.69
C ASN B 163 -25.51 -5.15 15.61
N THR B 164 -24.24 -5.31 15.94
CA THR B 164 -23.17 -5.09 14.99
C THR B 164 -22.35 -6.36 14.73
N HIS B 165 -23.01 -7.51 14.71
CA HIS B 165 -22.38 -8.74 14.27
C HIS B 165 -22.64 -8.91 12.78
N ALA B 166 -21.58 -8.97 12.00
CA ALA B 166 -21.77 -8.96 10.56
C ALA B 166 -22.35 -10.27 10.07
N THR B 167 -23.11 -10.17 8.98
CA THR B 167 -23.66 -11.38 8.38
C THR B 167 -22.53 -12.25 7.82
N THR B 168 -21.45 -11.63 7.37
CA THR B 168 -20.33 -12.40 6.97
C THR B 168 -19.85 -13.27 8.14
N HIS B 169 -19.60 -12.74 9.30
CA HIS B 169 -19.00 -13.48 10.39
C HIS B 169 -20.01 -14.30 11.19
N ASN B 170 -20.89 -15.07 10.54
CA ASN B 170 -21.86 -15.89 11.26
C ASN B 170 -21.42 -17.37 11.41
N ALA B 171 -20.13 -17.69 11.26
CA ALA B 171 -19.69 -19.04 11.64
C ALA B 171 -19.83 -19.27 13.14
N TYR B 172 -20.05 -18.20 13.91
CA TYR B 172 -20.21 -18.25 15.34
C TYR B 172 -21.18 -17.14 15.74
N ASP B 173 -21.68 -17.22 16.96
CA ASP B 173 -22.26 -16.02 17.57
C ASP B 173 -21.73 -15.86 18.99
N LEU B 174 -21.98 -14.67 19.52
CA LEU B 174 -21.34 -14.21 20.74
C LEU B 174 -22.32 -14.17 21.90
N GLU B 175 -21.86 -14.64 23.05
CA GLU B 175 -22.58 -14.52 24.32
C GLU B 175 -21.70 -13.72 25.28
N VAL B 176 -22.24 -12.66 25.86
CA VAL B 176 -21.46 -11.89 26.82
C VAL B 176 -21.59 -12.54 28.19
N ILE B 177 -20.46 -12.92 28.78
CA ILE B 177 -20.45 -13.60 30.07
C ILE B 177 -20.32 -12.62 31.21
N ASP B 178 -19.33 -11.74 31.15
CA ASP B 178 -19.16 -10.70 32.16
C ASP B 178 -18.71 -9.42 31.49
N ILE B 179 -19.07 -8.29 32.11
CA ILE B 179 -18.70 -6.97 31.63
C ILE B 179 -17.90 -6.28 32.72
N PHE B 180 -16.70 -5.84 32.37
CA PHE B 180 -15.83 -5.13 33.29
C PHE B 180 -15.65 -3.70 32.82
N LYS B 181 -15.69 -2.76 33.76
CA LYS B 181 -15.22 -1.42 33.49
C LYS B 181 -13.78 -1.35 34.00
N ILE B 182 -12.87 -1.00 33.10
CA ILE B 182 -11.45 -0.96 33.39
C ILE B 182 -11.01 0.49 33.44
N GLU B 183 -10.00 0.76 34.26
CA GLU B 183 -9.40 2.09 34.32
C GLU B 183 -7.90 1.90 34.48
N ARG B 184 -7.15 2.30 33.46
CA ARG B 184 -5.70 2.15 33.47
C ARG B 184 -5.08 3.31 34.22
N GLU B 185 -4.27 2.99 35.23
CA GLU B 185 -3.54 4.00 35.99
C GLU B 185 -2.82 4.97 35.06
N GLY B 186 -3.23 6.24 35.12
CA GLY B 186 -2.58 7.29 34.35
C GLY B 186 -3.21 7.60 33.01
N GLU B 187 -4.09 6.73 32.49
CA GLU B 187 -4.54 6.86 31.11
C GLU B 187 -5.36 8.12 30.88
N CYS B 188 -6.15 8.55 31.86
CA CYS B 188 -6.98 9.75 31.63
C CYS B 188 -6.12 11.01 31.60
N GLN B 189 -5.05 11.05 32.40
CA GLN B 189 -4.09 12.13 32.31
C GLN B 189 -3.45 12.17 30.93
N ARG B 190 -3.10 11.00 30.40
CA ARG B 190 -2.52 10.92 29.05
C ARG B 190 -3.54 11.36 27.99
N TYR B 191 -4.82 11.10 28.23
CA TYR B 191 -5.90 11.36 27.29
C TYR B 191 -6.38 12.80 27.30
N LYS B 192 -6.10 13.53 28.36
CA LYS B 192 -6.61 14.88 28.58
C LYS B 192 -6.60 15.84 27.39
N PRO B 193 -5.54 15.91 26.56
CA PRO B 193 -5.60 16.82 25.40
C PRO B 193 -6.71 16.48 24.41
N PHE B 194 -7.23 15.26 24.42
CA PHE B 194 -8.22 14.81 23.45
C PHE B 194 -9.60 14.60 24.06
N LYS B 195 -9.85 15.04 25.28
CA LYS B 195 -11.06 14.60 25.97
C LYS B 195 -12.32 15.34 25.53
N GLN B 196 -12.19 16.45 24.79
CA GLN B 196 -13.34 17.03 24.11
C GLN B 196 -13.00 17.38 22.67
N LEU B 197 -12.11 16.61 22.06
CA LEU B 197 -11.98 16.63 20.62
C LEU B 197 -13.27 16.13 20.00
N HIS B 198 -13.61 16.67 18.83
CA HIS B 198 -14.83 16.23 18.18
C HIS B 198 -14.68 14.81 17.65
N ASN B 199 -15.82 14.14 17.51
CA ASN B 199 -15.90 12.83 16.89
C ASN B 199 -15.16 11.80 17.71
N ARG B 200 -15.55 11.64 18.97
CA ARG B 200 -15.03 10.60 19.84
C ARG B 200 -16.02 9.43 19.85
N ARG B 201 -15.52 8.22 19.66
CA ARG B 201 -16.39 7.07 19.48
C ARG B 201 -15.99 5.91 20.37
N LEU B 202 -16.99 5.14 20.79
CA LEU B 202 -16.77 3.91 21.54
C LEU B 202 -16.64 2.77 20.54
N LEU B 203 -15.45 2.17 20.46
CA LEU B 203 -15.13 1.23 19.39
C LEU B 203 -14.46 -0.01 19.96
N TRP B 204 -14.51 -1.08 19.18
CA TRP B 204 -14.02 -2.39 19.58
C TRP B 204 -12.54 -2.56 19.26
N HIS B 205 -11.86 -3.34 20.10
CA HIS B 205 -10.53 -3.85 19.79
C HIS B 205 -10.42 -5.28 20.33
N GLY B 206 -10.22 -6.23 19.44
CA GLY B 206 -10.03 -7.62 19.82
C GLY B 206 -8.56 -7.98 19.85
N SER B 207 -8.23 -8.96 20.70
CA SER B 207 -6.89 -9.54 20.71
C SER B 207 -6.94 -10.87 21.43
N ARG B 208 -5.88 -11.65 21.26
CA ARG B 208 -5.77 -12.93 21.94
C ARG B 208 -5.75 -12.71 23.45
N THR B 209 -6.20 -13.72 24.20
CA THR B 209 -6.15 -13.64 25.65
C THR B 209 -4.72 -13.39 26.13
N THR B 210 -3.77 -14.14 25.58
CA THR B 210 -2.36 -14.01 25.93
C THR B 210 -1.85 -12.57 25.88
N ASN B 211 -2.52 -11.68 25.16
CA ASN B 211 -2.02 -10.31 25.00
C ASN B 211 -2.55 -9.35 26.06
N PHE B 212 -3.60 -9.72 26.81
CA PHE B 212 -4.28 -8.69 27.60
C PHE B 212 -3.47 -8.29 28.83
N ALA B 213 -2.68 -9.21 29.39
CA ALA B 213 -1.73 -8.80 30.42
C ALA B 213 -0.90 -7.63 29.93
N GLY B 214 -0.49 -7.66 28.67
CA GLY B 214 0.21 -6.51 28.10
C GLY B 214 -0.69 -5.30 27.92
N ILE B 215 -1.88 -5.50 27.36
CA ILE B 215 -2.72 -4.37 26.99
C ILE B 215 -3.15 -3.60 28.22
N LEU B 216 -3.54 -4.31 29.29
CA LEU B 216 -3.84 -3.63 30.55
C LEU B 216 -2.55 -3.12 31.20
N SER B 217 -1.42 -3.78 30.93
CA SER B 217 -0.14 -3.35 31.48
C SER B 217 0.28 -2.01 30.91
N GLN B 218 0.48 -1.95 29.59
CA GLN B 218 1.07 -0.80 28.94
C GLN B 218 0.08 -0.01 28.07
N GLY B 219 -1.16 -0.43 27.99
CA GLY B 219 -2.09 0.18 27.06
C GLY B 219 -1.95 -0.45 25.69
N LEU B 220 -2.77 0.01 24.76
CA LEU B 220 -2.59 -0.34 23.36
C LEU B 220 -1.40 0.42 22.80
N ARG B 221 -0.50 -0.29 22.13
CA ARG B 221 0.75 0.31 21.66
C ARG B 221 0.80 0.29 20.14
N ILE B 222 1.69 1.11 19.62
CA ILE B 222 2.04 1.10 18.21
C ILE B 222 3.22 0.16 18.04
N ALA B 223 3.28 -0.52 16.88
CA ALA B 223 4.38 -1.42 16.56
C ALA B 223 5.72 -0.71 16.70
N PRO B 224 6.78 -1.42 17.09
CA PRO B 224 8.10 -0.77 17.28
C PRO B 224 8.59 -0.12 16.00
N PRO B 225 9.61 0.74 16.10
CA PRO B 225 10.14 1.37 14.87
C PRO B 225 10.77 0.39 13.90
N GLU B 226 11.30 -0.74 14.38
CA GLU B 226 11.89 -1.72 13.48
C GLU B 226 10.84 -2.50 12.71
N ALA B 227 9.58 -2.42 13.10
CA ALA B 227 8.52 -3.18 12.46
C ALA B 227 8.26 -2.67 11.05
N PRO B 228 8.03 -3.55 10.08
CA PRO B 228 7.78 -3.10 8.71
C PRO B 228 6.42 -2.44 8.60
N VAL B 229 6.41 -1.21 8.09
CA VAL B 229 5.16 -0.46 7.99
C VAL B 229 4.19 -1.12 7.01
N THR B 230 4.70 -1.87 6.03
CA THR B 230 3.81 -2.52 5.07
C THR B 230 3.20 -3.81 5.61
N GLY B 231 3.50 -4.19 6.86
CA GLY B 231 2.86 -5.33 7.46
C GLY B 231 1.45 -5.07 7.95
N TYR B 232 0.95 -3.85 7.77
CA TYR B 232 -0.36 -3.43 8.26
C TYR B 232 -1.02 -2.56 7.21
N MET B 233 -2.32 -2.76 7.01
CA MET B 233 -3.02 -2.15 5.87
C MET B 233 -2.88 -0.63 5.88
N PHE B 234 -3.00 -0.01 7.05
CA PHE B 234 -2.92 1.44 7.16
C PHE B 234 -1.71 1.88 7.97
N GLY B 235 -0.66 1.06 7.97
CA GLY B 235 0.56 1.44 8.65
C GLY B 235 0.50 1.21 10.16
N LYS B 236 1.43 1.87 10.85
CA LYS B 236 1.69 1.60 12.25
C LYS B 236 0.83 2.53 13.11
N GLY B 237 -0.37 2.08 13.42
CA GLY B 237 -1.26 2.77 14.34
C GLY B 237 -2.02 1.79 15.19
N ILE B 238 -3.01 2.25 15.92
CA ILE B 238 -3.87 1.40 16.74
C ILE B 238 -5.23 1.30 16.05
N TYR B 239 -5.70 0.06 15.88
CA TYR B 239 -6.82 -0.28 15.00
C TYR B 239 -8.05 -0.63 15.81
N PHE B 240 -9.20 -0.07 15.43
CA PHE B 240 -10.48 -0.30 16.07
C PHE B 240 -11.54 -0.58 15.01
N ALA B 241 -12.61 -1.26 15.44
CA ALA B 241 -13.74 -1.56 14.58
C ALA B 241 -15.02 -1.03 15.22
N ASP B 242 -16.06 -0.83 14.41
CA ASP B 242 -17.38 -0.52 14.93
C ASP B 242 -18.33 -1.70 14.84
N MET B 243 -17.92 -2.79 14.21
CA MET B 243 -18.64 -4.05 14.23
C MET B 243 -17.96 -4.98 15.21
N VAL B 244 -18.73 -5.54 16.15
CA VAL B 244 -18.14 -6.36 17.20
C VAL B 244 -17.47 -7.60 16.63
N SER B 245 -18.04 -8.18 15.57
CA SER B 245 -17.51 -9.44 15.05
C SER B 245 -16.18 -9.24 14.34
N LYS B 246 -15.98 -8.08 13.70
CA LYS B 246 -14.70 -7.81 13.06
C LYS B 246 -13.57 -7.83 14.08
N SER B 247 -13.79 -7.19 15.23
CA SER B 247 -12.80 -7.25 16.30
C SER B 247 -12.70 -8.66 16.89
N ALA B 248 -13.84 -9.31 17.12
CA ALA B 248 -13.87 -10.62 17.75
C ALA B 248 -13.10 -11.67 16.94
N ASN B 249 -13.02 -11.49 15.62
CA ASN B 249 -12.22 -12.42 14.82
C ASN B 249 -10.76 -12.44 15.27
N TYR B 250 -10.28 -11.37 15.89
CA TYR B 250 -8.90 -11.27 16.32
C TYR B 250 -8.65 -11.81 17.71
N CYS B 251 -9.70 -12.28 18.40
CA CYS B 251 -9.50 -13.07 19.61
C CYS B 251 -8.87 -14.42 19.31
N HIS B 252 -9.03 -14.91 18.08
CA HIS B 252 -8.49 -16.19 17.63
C HIS B 252 -8.91 -17.35 18.54
N THR B 253 -10.18 -17.35 18.90
CA THR B 253 -10.81 -18.46 19.60
C THR B 253 -11.08 -19.60 18.62
N SER B 254 -11.29 -20.80 19.16
CA SER B 254 -11.59 -21.99 18.37
C SER B 254 -12.61 -22.85 19.10
N GLN B 255 -13.12 -23.86 18.40
CA GLN B 255 -13.98 -24.84 19.06
C GLN B 255 -13.29 -25.46 20.27
N GLY B 256 -11.99 -25.70 20.16
CA GLY B 256 -11.20 -26.14 21.29
C GLY B 256 -10.91 -25.05 22.29
N ASP B 257 -11.19 -23.79 21.95
CA ASP B 257 -10.96 -22.68 22.87
C ASP B 257 -11.90 -21.54 22.62
N PRO B 258 -13.12 -21.59 23.16
CA PRO B 258 -14.19 -20.67 22.75
C PRO B 258 -14.35 -19.40 23.59
N ILE B 259 -13.50 -19.11 24.57
CA ILE B 259 -13.63 -17.89 25.38
C ILE B 259 -12.65 -16.85 24.87
N GLY B 260 -13.11 -15.61 24.71
CA GLY B 260 -12.25 -14.53 24.28
C GLY B 260 -12.51 -13.26 25.07
N LEU B 261 -11.57 -12.33 24.94
CA LEU B 261 -11.68 -11.01 25.55
C LEU B 261 -11.67 -9.95 24.46
N ILE B 262 -12.45 -8.89 24.67
CA ILE B 262 -12.52 -7.79 23.72
C ILE B 262 -12.67 -6.49 24.50
N LEU B 263 -12.11 -5.42 23.96
CA LEU B 263 -12.07 -4.12 24.61
C LEU B 263 -13.02 -3.16 23.92
N LEU B 264 -13.66 -2.31 24.72
CA LEU B 264 -14.33 -1.11 24.24
C LEU B 264 -13.49 0.09 24.66
N GLY B 265 -13.14 0.92 23.70
CA GLY B 265 -12.31 2.08 23.97
C GLY B 265 -12.93 3.34 23.40
N GLU B 266 -12.80 4.43 24.16
CA GLU B 266 -13.08 5.75 23.62
C GLU B 266 -11.88 6.17 22.77
N VAL B 267 -12.13 6.38 21.48
CA VAL B 267 -11.10 6.80 20.54
C VAL B 267 -11.46 8.19 20.05
N ALA B 268 -10.53 9.13 20.22
CA ALA B 268 -10.67 10.50 19.73
C ALA B 268 -10.25 10.54 18.27
N LEU B 269 -11.23 10.48 17.36
CA LEU B 269 -10.94 10.39 15.95
C LEU B 269 -10.71 11.75 15.29
N GLY B 270 -11.47 12.77 15.71
CA GLY B 270 -11.32 14.09 15.13
C GLY B 270 -11.59 14.08 13.63
N ASN B 271 -10.85 14.92 12.91
CA ASN B 271 -10.91 14.93 11.45
C ASN B 271 -10.30 13.64 10.90
N MET B 272 -11.13 12.83 10.24
CA MET B 272 -10.70 11.54 9.71
C MET B 272 -10.20 11.64 8.29
N TYR B 273 -9.10 10.94 8.01
CA TYR B 273 -8.57 10.76 6.67
C TYR B 273 -9.19 9.49 6.11
N GLU B 274 -10.10 9.63 5.15
CA GLU B 274 -10.90 8.51 4.68
C GLU B 274 -10.21 7.81 3.52
N LEU B 275 -10.07 6.49 3.64
CA LEU B 275 -9.31 5.69 2.68
C LEU B 275 -10.10 4.43 2.31
N LYS B 276 -10.01 4.05 1.03
CA LYS B 276 -10.65 2.83 0.55
C LYS B 276 -9.69 1.71 0.22
N HIS B 277 -8.38 1.96 0.26
CA HIS B 277 -7.40 0.95 -0.09
C HIS B 277 -6.17 1.14 0.79
N ALA B 278 -5.28 0.14 0.73
CA ALA B 278 -4.14 0.12 1.65
C ALA B 278 -3.25 1.32 1.43
N SER B 279 -2.71 1.84 2.53
CA SER B 279 -1.83 3.01 2.50
C SER B 279 -0.89 2.89 3.70
N HIS B 280 0.32 2.39 3.45
CA HIS B 280 1.25 2.05 4.53
C HIS B 280 1.97 3.33 4.95
N ILE B 281 1.44 3.99 5.98
CA ILE B 281 1.96 5.26 6.46
C ILE B 281 2.27 5.13 7.94
N SER B 282 3.18 5.99 8.41
CA SER B 282 3.44 6.12 9.84
C SER B 282 2.98 7.44 10.43
N LYS B 283 2.83 8.48 9.61
CA LYS B 283 2.35 9.79 10.05
C LYS B 283 1.17 10.21 9.18
N LEU B 284 0.31 11.04 9.74
CA LEU B 284 -0.87 11.53 9.03
C LEU B 284 -0.58 12.82 8.26
N PRO B 285 -1.39 13.10 7.24
CA PRO B 285 -1.38 14.43 6.64
C PRO B 285 -1.79 15.51 7.64
N LYS B 286 -1.24 16.72 7.44
CA LYS B 286 -1.47 17.83 8.35
C LYS B 286 -2.97 18.11 8.51
N GLY B 287 -3.41 18.21 9.76
CA GLY B 287 -4.78 18.53 10.09
C GLY B 287 -5.67 17.33 10.32
N LYS B 288 -5.17 16.11 10.13
CA LYS B 288 -5.95 14.91 10.35
C LYS B 288 -5.48 14.23 11.63
N HIS B 289 -6.43 13.64 12.36
CA HIS B 289 -6.16 13.01 13.64
C HIS B 289 -6.28 11.50 13.58
N SER B 290 -6.85 10.95 12.51
CA SER B 290 -7.16 9.54 12.43
C SER B 290 -7.28 9.14 10.97
N VAL B 291 -7.25 7.83 10.72
CA VAL B 291 -7.60 7.26 9.43
C VAL B 291 -8.88 6.46 9.60
N LYS B 292 -9.81 6.60 8.66
CA LYS B 292 -10.98 5.74 8.59
C LYS B 292 -10.94 4.98 7.28
N GLY B 293 -10.78 3.66 7.36
CA GLY B 293 -10.93 2.80 6.21
C GLY B 293 -12.42 2.53 6.00
N LEU B 294 -12.93 2.94 4.85
CA LEU B 294 -14.36 3.01 4.60
C LEU B 294 -14.88 1.65 4.14
N GLY B 295 -15.86 1.13 4.87
CA GLY B 295 -16.48 -0.12 4.50
C GLY B 295 -17.73 0.08 3.67
N LYS B 296 -18.14 -1.01 2.99
CA LYS B 296 -19.43 -1.00 2.32
C LYS B 296 -20.58 -1.06 3.31
N THR B 297 -20.31 -1.45 4.55
CA THR B 297 -21.31 -1.54 5.61
C THR B 297 -20.90 -0.67 6.79
N THR B 298 -21.84 0.16 7.24
CA THR B 298 -21.73 1.11 8.34
C THR B 298 -22.82 0.83 9.37
N PRO B 299 -22.57 1.12 10.64
CA PRO B 299 -23.69 1.24 11.58
C PRO B 299 -24.54 2.44 11.18
N ASP B 300 -25.86 2.27 11.24
CA ASP B 300 -26.80 3.29 10.79
C ASP B 300 -26.62 4.54 11.63
N PRO B 301 -26.18 5.66 11.04
CA PRO B 301 -25.92 6.87 11.85
C PRO B 301 -27.17 7.43 12.51
N SER B 302 -28.33 7.25 11.88
CA SER B 302 -29.63 7.35 12.53
C SER B 302 -29.60 6.92 13.99
N ALA B 303 -29.04 5.75 14.27
CA ALA B 303 -29.29 5.04 15.52
C ALA B 303 -28.17 5.15 16.55
N ASN B 304 -27.23 6.08 16.41
CA ASN B 304 -26.18 6.17 17.42
C ASN B 304 -26.72 6.78 18.70
N ILE B 305 -26.19 6.29 19.81
CA ILE B 305 -26.63 6.81 21.09
C ILE B 305 -25.40 7.33 21.85
N SER B 306 -25.56 7.89 23.03
CA SER B 306 -24.40 8.45 23.72
C SER B 306 -24.25 7.84 25.10
N LEU B 307 -23.00 7.60 25.48
CA LEU B 307 -22.67 7.07 26.79
C LEU B 307 -21.48 7.86 27.31
N ASP B 308 -21.64 8.47 28.48
CA ASP B 308 -20.72 9.46 29.01
C ASP B 308 -20.23 10.42 27.92
N GLY B 309 -21.20 10.97 27.18
CA GLY B 309 -20.89 11.94 26.15
C GLY B 309 -20.09 11.42 24.97
N VAL B 310 -20.03 10.10 24.79
CA VAL B 310 -19.29 9.49 23.70
C VAL B 310 -20.27 8.81 22.76
N ASP B 311 -20.06 8.97 21.45
CA ASP B 311 -20.92 8.34 20.47
C ASP B 311 -20.73 6.83 20.50
N VAL B 312 -21.85 6.11 20.53
CA VAL B 312 -21.86 4.66 20.41
C VAL B 312 -22.60 4.34 19.12
N PRO B 313 -21.91 3.81 18.10
CA PRO B 313 -22.54 3.47 16.81
C PRO B 313 -23.10 2.06 16.82
N LEU B 314 -24.11 1.84 17.66
CA LEU B 314 -24.70 0.51 17.80
C LEU B 314 -25.89 0.30 16.88
N GLY B 315 -26.05 1.12 15.86
CA GLY B 315 -27.09 0.89 14.89
C GLY B 315 -26.84 -0.41 14.15
N THR B 316 -27.88 -0.87 13.45
CA THR B 316 -27.68 -2.09 12.70
C THR B 316 -27.02 -1.77 11.36
N GLY B 317 -26.41 -2.78 10.75
CA GLY B 317 -25.58 -2.57 9.58
C GLY B 317 -26.42 -2.20 8.36
N ILE B 318 -26.05 -1.09 7.71
CA ILE B 318 -26.63 -0.69 6.44
C ILE B 318 -25.46 -0.42 5.49
N SER B 319 -25.74 -0.37 4.18
CA SER B 319 -24.62 -0.12 3.28
C SER B 319 -24.28 1.37 3.28
N SER B 320 -22.98 1.67 3.34
CA SER B 320 -22.47 3.05 3.35
C SER B 320 -22.79 3.86 2.11
N GLY B 321 -22.94 3.24 0.95
CA GLY B 321 -22.97 4.02 -0.28
C GLY B 321 -21.60 4.43 -0.78
N VAL B 322 -20.56 3.70 -0.40
CA VAL B 322 -19.18 3.97 -0.78
C VAL B 322 -18.83 3.09 -1.98
N ASN B 323 -18.22 3.69 -2.99
CA ASN B 323 -18.10 3.05 -4.29
C ASN B 323 -16.70 2.50 -4.54
N ASP B 324 -16.65 1.23 -4.94
CA ASP B 324 -15.44 0.46 -5.20
C ASP B 324 -14.33 0.69 -4.16
N THR B 325 -14.71 0.42 -2.91
CA THR B 325 -13.82 0.34 -1.77
C THR B 325 -13.44 -1.11 -1.53
N SER B 326 -12.30 -1.32 -0.89
CA SER B 326 -11.79 -2.65 -0.63
C SER B 326 -12.08 -3.14 0.78
N LEU B 327 -12.98 -2.49 1.51
CA LEU B 327 -13.33 -2.91 2.86
C LEU B 327 -14.82 -3.17 2.95
N LEU B 328 -15.20 -4.31 3.51
CA LEU B 328 -16.61 -4.59 3.77
C LEU B 328 -17.11 -3.76 4.95
N TYR B 329 -16.27 -3.59 5.97
CA TYR B 329 -16.65 -2.88 7.18
C TYR B 329 -15.57 -1.87 7.54
N ASN B 330 -15.99 -0.85 8.28
CA ASN B 330 -15.10 0.24 8.64
C ASN B 330 -13.97 -0.24 9.54
N GLU B 331 -12.88 0.51 9.53
CA GLU B 331 -11.89 0.39 10.59
C GLU B 331 -11.32 1.78 10.83
N TYR B 332 -10.94 2.03 12.08
CA TYR B 332 -10.44 3.32 12.51
C TYR B 332 -9.04 3.14 13.06
N ILE B 333 -8.12 4.00 12.67
CA ILE B 333 -6.73 3.88 13.06
C ILE B 333 -6.26 5.21 13.61
N VAL B 334 -5.62 5.18 14.78
CA VAL B 334 -5.02 6.38 15.33
C VAL B 334 -3.52 6.16 15.42
N TYR B 335 -2.76 7.24 15.25
CA TYR B 335 -1.31 7.14 15.18
C TYR B 335 -0.64 7.78 16.39
N ASP B 336 -1.37 7.87 17.50
CA ASP B 336 -0.86 8.38 18.76
C ASP B 336 -1.59 7.64 19.87
N ILE B 337 -0.84 6.99 20.76
CA ILE B 337 -1.46 6.20 21.81
C ILE B 337 -2.28 7.04 22.77
N ALA B 338 -2.01 8.35 22.85
CA ALA B 338 -2.75 9.21 23.76
C ALA B 338 -4.19 9.43 23.34
N GLN B 339 -4.55 9.09 22.09
CA GLN B 339 -5.92 9.28 21.61
C GLN B 339 -6.86 8.14 22.01
N VAL B 340 -6.44 7.26 22.92
CA VAL B 340 -7.21 6.09 23.31
C VAL B 340 -7.43 6.12 24.82
N ASN B 341 -8.66 5.85 25.25
CA ASN B 341 -9.02 5.72 26.66
C ASN B 341 -9.84 4.45 26.82
N LEU B 342 -9.24 3.40 27.37
CA LEU B 342 -9.92 2.11 27.49
C LEU B 342 -11.02 2.17 28.53
N LYS B 343 -12.22 1.72 28.18
CA LYS B 343 -13.38 1.85 29.05
C LYS B 343 -13.89 0.53 29.59
N TYR B 344 -14.08 -0.48 28.73
CA TYR B 344 -14.71 -1.72 29.14
C TYR B 344 -13.93 -2.92 28.59
N LEU B 345 -14.04 -4.03 29.31
CA LEU B 345 -13.48 -5.31 28.89
C LEU B 345 -14.59 -6.35 28.96
N LEU B 346 -14.76 -7.14 27.90
CA LEU B 346 -15.86 -8.07 27.78
C LEU B 346 -15.35 -9.49 27.63
N LYS B 347 -15.90 -10.39 28.43
CA LYS B 347 -15.66 -11.82 28.27
C LYS B 347 -16.73 -12.41 27.36
N LEU B 348 -16.32 -13.02 26.26
CA LEU B 348 -17.25 -13.49 25.26
C LEU B 348 -17.12 -15.00 25.11
N LYS B 349 -18.26 -15.68 25.05
CA LYS B 349 -18.34 -17.08 24.68
C LYS B 349 -18.64 -17.14 23.19
N PHE B 350 -17.77 -17.83 22.45
CA PHE B 350 -17.92 -18.04 21.02
C PHE B 350 -18.64 -19.36 20.83
N ASN B 351 -19.89 -19.24 20.40
CA ASN B 351 -20.76 -20.39 20.26
C ASN B 351 -20.65 -20.69 18.75
N PHE B 352 -19.80 -21.65 18.37
CA PHE B 352 -19.51 -21.86 16.94
C PHE B 352 -20.56 -22.75 16.28
N LYS B 353 -21.26 -22.19 15.28
CA LYS B 353 -22.17 -22.99 14.45
C LYS B 353 -21.29 -23.63 13.38
N THR B 354 -20.65 -24.74 13.74
CA THR B 354 -19.67 -25.35 12.86
C THR B 354 -19.95 -26.81 12.52
C1 DS9 C . 4.63 3.03 -13.45
C2 DS9 C . 3.53 3.31 -12.45
C4 DS9 C . 2.61 3.59 -14.75
C6 DS9 C . 5.98 4.46 -15.77
C7 DS9 C . 8.30 6.53 -15.96
C9 DS9 C . 9.12 7.01 -13.64
C10 DS9 C . 9.09 6.83 -12.26
C14 DS9 C . 6.35 4.64 -14.35
C15 DS9 C . 7.34 5.46 -13.88
N DS9 C . 4.04 3.37 -14.75
C DS9 C . 5.11 1.59 -13.38
O DS9 C . 9.14 7.32 -16.36
C11 DS9 C . 8.17 5.95 -11.68
C12 DS9 C . 7.28 5.26 -12.49
C13 DS9 C . 5.74 3.99 -13.34
C3 DS9 C . 2.31 3.76 -13.26
C5 DS9 C . 4.84 3.48 -15.98
C8 DS9 C . 8.24 6.31 -14.47
F DS9 C . 9.95 7.50 -11.48
N1 DS9 C . 6.53 5.06 -16.83
N2 DS9 C . 7.51 5.94 -16.88
N3 DS9 C . 6.30 4.36 -12.18
C1 GOL D . -0.70 4.53 -16.20
O1 GOL D . -1.76 4.66 -17.08
C2 GOL D . -0.80 5.71 -15.19
O2 GOL D . 0.43 5.96 -14.61
C3 GOL D . -1.85 5.26 -14.15
O3 GOL D . -1.84 6.21 -13.12
C1 DS9 E . -4.44 -5.67 12.47
C2 DS9 E . -3.66 -4.52 11.84
C4 DS9 E . -2.64 -5.11 14.05
C6 DS9 E . -5.94 -6.18 15.05
C7 DS9 E . -8.81 -5.47 16.06
C9 DS9 E . -10.00 -4.24 14.24
C10 DS9 E . -10.06 -3.68 12.96
C14 DS9 E . -6.52 -5.47 13.90
C15 DS9 E . -7.77 -4.93 13.81
N DS9 E . -3.88 -5.83 13.80
C DS9 E . -4.40 -6.94 11.64
O DS9 E . -9.83 -5.35 16.71
C11 DS9 E . -8.98 -3.75 12.11
C12 DS9 E . -7.81 -4.38 12.53
C13 DS9 E . -5.84 -5.25 12.75
C3 DS9 E . -2.60 -4.14 12.87
C5 DS9 E . -4.51 -6.65 14.84
C8 DS9 E . -8.84 -4.88 14.67
F DS9 E . -11.18 -3.07 12.56
N1 DS9 E . -6.55 -6.43 16.21
N2 DS9 E . -7.78 -6.12 16.62
N3 DS9 E . -6.62 -4.57 11.90
C1 GOL F . 0.56 -3.14 16.48
O1 GOL F . 1.13 -3.78 15.39
C2 GOL F . -0.34 -2.05 15.88
O2 GOL F . -1.62 -2.54 15.61
C3 GOL F . 0.40 -1.58 14.60
O3 GOL F . 1.20 -0.50 14.98
C1 GOL G . -1.57 -6.41 18.58
O1 GOL G . -1.60 -7.68 19.17
C2 GOL G . -2.46 -5.49 19.47
O2 GOL G . -3.70 -6.04 19.72
C3 GOL G . -1.65 -5.31 20.77
O3 GOL G . -0.57 -4.48 20.47
#